data_3UUC
#
_entry.id   3UUC
#
_cell.length_a   53.530
_cell.length_b   58.640
_cell.length_c   93.020
_cell.angle_alpha   75.64
_cell.angle_beta   74.77
_cell.angle_gamma   62.82
#
_symmetry.space_group_name_H-M   'P 1'
#
loop_
_entity.id
_entity.type
_entity.pdbx_description
1 polymer 'Estrogen receptor'
2 non-polymer "4,4'-(2,2-dichloroethene-1,1-diyl)diphenol"
3 water water
#
_entity_poly.entity_id   1
_entity_poly.type   'polypeptide(L)'
_entity_poly.pdbx_seq_one_letter_code
;KKNSLALSLTADQMVSALLDAEPPILYSEYDPTRPFSEASMMGLLTNLADRELVHMINWAKRVPGFVDLTLHDQVHLLE
(CSO)AWLEILMIGLVWRSMEHPGKLLFAPNLLLDRNQGKCVEGMVEIFDMLLATSSRFRMMNLQGEEFVCLKSIILLNS
GVYTFLSSTLKSLEEKDHIHRVLDKITDTLIHLMAKAGLTLQQQHQRLAQLLLILSHIRHMSNKGMEHLYSMKCKNVVPL
YDLLLEMLDAHRLHAP
;
_entity_poly.pdbx_strand_id   A,B,C,D
#
loop_
_chem_comp.id
_chem_comp.type
_chem_comp.name
_chem_comp.formula
0D1 non-polymer 4,4'-(2,2-dichloroethene-1,1-diyl)diphenol 'C14 H10 Cl2 O2'
#
# COMPACT_ATOMS: atom_id res chain seq x y z
N SER A 4 -23.34 27.98 35.43
CA SER A 4 -22.74 27.58 34.15
C SER A 4 -22.91 28.64 33.08
N LEU A 5 -22.13 29.70 33.18
CA LEU A 5 -22.14 30.74 32.18
C LEU A 5 -21.79 30.14 30.80
N ALA A 6 -21.32 28.90 30.81
CA ALA A 6 -20.85 28.21 29.60
C ALA A 6 -21.91 27.99 28.53
N LEU A 7 -23.15 27.76 28.95
CA LEU A 7 -24.22 27.55 27.98
C LEU A 7 -24.69 28.86 27.34
N SER A 8 -24.25 29.98 27.91
CA SER A 8 -24.64 31.28 27.38
C SER A 8 -23.53 31.92 26.54
N LEU A 9 -22.38 31.27 26.49
CA LEU A 9 -21.26 31.78 25.69
C LEU A 9 -21.62 31.88 24.22
N THR A 10 -21.17 32.94 23.57
CA THR A 10 -21.33 33.04 22.13
C THR A 10 -20.20 32.26 21.43
N ALA A 11 -20.32 32.09 20.13
CA ALA A 11 -19.30 31.46 19.30
C ALA A 11 -17.93 32.10 19.50
N ASP A 12 -17.88 33.42 19.47
CA ASP A 12 -16.63 34.15 19.66
C ASP A 12 -16.04 33.92 21.05
N GLN A 13 -16.87 34.00 22.08
CA GLN A 13 -16.40 33.77 23.44
C GLN A 13 -15.83 32.37 23.63
N MET A 14 -16.53 31.37 23.10
CA MET A 14 -16.09 29.98 23.19
C MET A 14 -14.70 29.83 22.58
N VAL A 15 -14.53 30.39 21.39
CA VAL A 15 -13.24 30.34 20.70
C VAL A 15 -12.15 31.03 21.51
N SER A 16 -12.42 32.25 21.96
CA SER A 16 -11.44 33.00 22.74
C SER A 16 -11.03 32.25 24.00
N ALA A 17 -12.02 31.67 24.67
CA ALA A 17 -11.76 30.88 25.86
C ALA A 17 -10.83 29.70 25.51
N LEU A 18 -11.13 29.05 24.41
CA LEU A 18 -10.38 27.87 24.00
C LEU A 18 -8.97 28.26 23.55
N LEU A 19 -8.87 29.30 22.72
CA LEU A 19 -7.58 29.77 22.27
C LEU A 19 -6.73 30.15 23.47
N ASP A 20 -7.33 30.87 24.39
CA ASP A 20 -6.65 31.34 25.60
CA ASP A 20 -6.63 31.34 25.57
C ASP A 20 -6.17 30.20 26.50
N ALA A 21 -6.86 29.07 26.44
CA ALA A 21 -6.52 27.93 27.29
C ALA A 21 -5.46 27.00 26.71
N GLU A 22 -5.03 27.25 25.47
CA GLU A 22 -4.06 26.37 24.80
C GLU A 22 -2.79 26.16 25.62
N PRO A 23 -2.42 24.90 25.84
CA PRO A 23 -1.13 24.60 26.47
C PRO A 23 0.03 24.99 25.56
N PRO A 24 1.22 25.11 26.14
CA PRO A 24 2.40 25.44 25.33
C PRO A 24 2.96 24.20 24.61
N ILE A 25 3.72 24.43 23.56
CA ILE A 25 4.46 23.37 22.91
C ILE A 25 5.70 23.07 23.74
N LEU A 26 5.78 21.86 24.30
CA LEU A 26 6.91 21.49 25.14
C LEU A 26 8.06 20.90 24.31
N TYR A 27 9.26 20.96 24.87
CA TYR A 27 10.43 20.40 24.20
C TYR A 27 10.78 19.02 24.73
N SER A 28 11.31 18.18 23.85
CA SER A 28 11.92 16.93 24.25
C SER A 28 13.12 17.24 25.16
N GLU A 29 13.35 16.38 26.14
CA GLU A 29 14.48 16.52 27.06
C GLU A 29 15.78 16.55 26.28
N TYR A 30 16.61 17.57 26.52
CA TYR A 30 17.89 17.68 25.82
C TYR A 30 19.00 16.91 26.54
N ASP A 31 19.67 16.04 25.79
CA ASP A 31 20.81 15.27 26.28
C ASP A 31 21.45 14.52 25.11
N PRO A 32 22.48 15.12 24.50
CA PRO A 32 23.07 14.64 23.23
C PRO A 32 23.50 13.17 23.29
N THR A 33 24.23 12.81 24.34
CA THR A 33 24.62 11.42 24.56
C THR A 33 23.39 10.64 25.01
N ARG A 34 23.16 9.51 24.36
CA ARG A 34 21.96 8.69 24.60
C ARG A 34 21.56 8.00 23.31
N GLU A 38 15.15 1.44 20.79
CA GLU A 38 14.08 2.42 20.99
C GLU A 38 13.53 2.37 22.41
N ALA A 39 14.32 1.84 23.33
CA ALA A 39 14.00 1.93 24.75
C ALA A 39 14.37 3.33 25.20
N SER A 40 15.30 3.94 24.47
CA SER A 40 15.68 5.32 24.72
C SER A 40 14.73 6.24 23.98
N MET A 41 14.32 5.82 22.79
CA MET A 41 13.44 6.62 21.95
C MET A 41 12.03 6.69 22.55
N MET A 42 11.57 5.59 23.13
CA MET A 42 10.27 5.57 23.79
C MET A 42 10.30 6.34 25.10
N GLY A 43 11.46 6.35 25.75
CA GLY A 43 11.63 7.08 26.98
C GLY A 43 11.49 8.57 26.72
N LEU A 44 11.94 9.01 25.55
CA LEU A 44 11.81 10.40 25.16
C LEU A 44 10.34 10.77 25.00
N LEU A 45 9.56 9.87 24.40
CA LEU A 45 8.16 10.14 24.13
C LEU A 45 7.30 10.03 25.38
N THR A 46 7.65 9.10 26.26
CA THR A 46 6.91 8.91 27.51
C THR A 46 7.14 10.10 28.44
N ASN A 47 8.37 10.61 28.46
CA ASN A 47 8.70 11.77 29.28
C ASN A 47 8.03 13.04 28.79
N LEU A 48 7.98 13.21 27.46
CA LEU A 48 7.23 14.30 26.87
C LEU A 48 5.75 14.16 27.25
N ALA A 49 5.21 12.96 27.04
CA ALA A 49 3.80 12.70 27.36
C ALA A 49 3.45 13.07 28.79
N ASP A 50 4.28 12.66 29.76
CA ASP A 50 4.00 12.95 31.16
C ASP A 50 3.92 14.44 31.44
N ARG A 51 4.86 15.19 30.87
CA ARG A 51 4.89 16.63 31.05
C ARG A 51 3.67 17.26 30.39
N GLU A 52 3.37 16.82 29.17
CA GLU A 52 2.19 17.29 28.45
C GLU A 52 0.88 17.06 29.22
N LEU A 53 0.81 15.93 29.93
CA LEU A 53 -0.37 15.59 30.71
C LEU A 53 -0.73 16.62 31.79
N VAL A 54 0.29 17.19 32.42
CA VAL A 54 0.08 18.17 33.47
C VAL A 54 -0.63 19.38 32.89
N HIS A 55 -0.15 19.84 31.74
CA HIS A 55 -0.72 20.97 31.04
C HIS A 55 -2.14 20.66 30.53
N MET A 56 -2.36 19.41 30.14
CA MET A 56 -3.63 19.00 29.58
C MET A 56 -4.73 19.09 30.63
N ILE A 57 -4.42 18.64 31.84
CA ILE A 57 -5.39 18.63 32.93
C ILE A 57 -5.81 20.05 33.29
N ASN A 58 -4.87 20.99 33.25
CA ASN A 58 -5.22 22.38 33.54
C ASN A 58 -5.88 23.06 32.35
N TRP A 59 -5.58 22.57 31.15
CA TRP A 59 -6.32 22.98 29.97
C TRP A 59 -7.78 22.55 30.10
N ALA A 60 -7.98 21.29 30.50
CA ALA A 60 -9.33 20.73 30.58
C ALA A 60 -10.21 21.52 31.53
N LYS A 61 -9.62 22.04 32.60
CA LYS A 61 -10.37 22.82 33.59
C LYS A 61 -10.83 24.16 33.03
N ARG A 62 -10.28 24.58 31.90
CA ARG A 62 -10.67 25.84 31.28
C ARG A 62 -11.61 25.64 30.10
N VAL A 63 -11.89 24.38 29.79
CA VAL A 63 -12.84 24.05 28.74
C VAL A 63 -14.24 24.35 29.24
N PRO A 64 -14.93 25.33 28.63
CA PRO A 64 -16.23 25.75 29.15
C PRO A 64 -17.16 24.57 29.43
N GLY A 65 -17.73 24.57 30.64
CA GLY A 65 -18.67 23.53 31.02
C GLY A 65 -18.05 22.31 31.68
N PHE A 66 -16.72 22.22 31.63
CA PHE A 66 -16.03 21.04 32.13
C PHE A 66 -16.03 20.96 33.66
N VAL A 67 -15.78 22.09 34.33
CA VAL A 67 -15.74 22.09 35.79
C VAL A 67 -17.13 22.05 36.41
N ASP A 68 -18.16 22.30 35.62
CA ASP A 68 -19.54 22.19 36.10
C ASP A 68 -19.86 20.74 36.43
N LEU A 69 -19.09 19.82 35.85
CA LEU A 69 -19.30 18.39 36.08
C LEU A 69 -18.76 18.01 37.43
N THR A 70 -19.19 16.85 37.93
CA THR A 70 -18.67 16.33 39.18
C THR A 70 -17.23 15.91 38.98
N LEU A 71 -16.50 15.74 40.08
CA LEU A 71 -15.11 15.33 40.01
C LEU A 71 -14.97 13.92 39.45
N HIS A 72 -15.93 13.05 39.77
CA HIS A 72 -15.88 11.69 39.28
C HIS A 72 -15.83 11.67 37.75
N ASP A 73 -16.72 12.43 37.13
CA ASP A 73 -16.83 12.43 35.68
C ASP A 73 -15.68 13.17 34.98
N GLN A 74 -15.22 14.27 35.58
CA GLN A 74 -14.04 14.96 35.06
C GLN A 74 -12.88 13.98 34.94
N VAL A 75 -12.63 13.24 36.01
CA VAL A 75 -11.57 12.23 36.03
C VAL A 75 -11.78 11.22 34.91
N HIS A 76 -13.03 10.80 34.74
CA HIS A 76 -13.34 9.76 33.77
C HIS A 76 -13.18 10.24 32.33
N LEU A 77 -13.65 11.45 32.05
CA LEU A 77 -13.49 12.02 30.71
C LEU A 77 -12.02 12.13 30.32
N LEU A 78 -11.22 12.66 31.23
CA LEU A 78 -9.78 12.79 31.00
C LEU A 78 -9.11 11.43 30.88
N GLU A 79 -9.61 10.46 31.63
CA GLU A 79 -9.04 9.11 31.60
C GLU A 79 -9.28 8.41 30.25
N CSO A 80 -10.42 8.69 29.62
CA CSO A 80 -10.73 8.14 28.30
CB CSO A 80 -12.25 8.07 28.07
SG CSO A 80 -13.06 6.85 29.14
C CSO A 80 -10.07 8.90 27.13
O CSO A 80 -9.74 8.29 26.11
OD CSO A 80 -12.64 5.20 28.59
N ALA A 81 -9.88 10.20 27.29
CA ALA A 81 -9.49 11.04 26.15
C ALA A 81 -8.00 11.43 26.06
N TRP A 82 -7.21 11.14 27.08
CA TRP A 82 -5.86 11.73 27.13
C TRP A 82 -4.98 11.42 25.92
N LEU A 83 -4.92 10.16 25.50
CA LEU A 83 -4.10 9.81 24.33
C LEU A 83 -4.66 10.41 23.05
N GLU A 84 -5.98 10.44 22.90
CA GLU A 84 -6.62 11.08 21.75
C GLU A 84 -6.22 12.54 21.68
N ILE A 85 -6.24 13.19 22.84
CA ILE A 85 -5.89 14.59 22.93
C ILE A 85 -4.40 14.83 22.63
N LEU A 86 -3.53 14.00 23.18
CA LEU A 86 -2.10 14.06 22.87
C LEU A 86 -1.88 13.90 21.37
N MET A 87 -2.61 12.96 20.76
CA MET A 87 -2.42 12.67 19.34
C MET A 87 -2.89 13.79 18.42
N ILE A 88 -4.03 14.39 18.73
CA ILE A 88 -4.53 15.45 17.87
C ILE A 88 -3.61 16.67 17.95
N GLY A 89 -3.06 16.94 19.14
CA GLY A 89 -2.06 17.99 19.29
C GLY A 89 -0.87 17.70 18.39
N LEU A 90 -0.39 16.46 18.45
CA LEU A 90 0.74 16.03 17.62
C LEU A 90 0.44 16.20 16.14
N VAL A 91 -0.74 15.76 15.71
CA VAL A 91 -1.11 15.88 14.30
C VAL A 91 -1.16 17.35 13.89
N TRP A 92 -1.70 18.18 14.76
CA TRP A 92 -1.75 19.62 14.51
C TRP A 92 -0.33 20.22 14.33
N ARG A 93 0.60 19.83 15.20
CA ARG A 93 1.99 20.28 15.12
C ARG A 93 2.75 19.81 13.87
N SER A 94 2.32 18.70 13.28
CA SER A 94 3.08 18.07 12.19
C SER A 94 2.54 18.51 10.84
N MET A 95 1.45 19.27 10.89
CA MET A 95 0.67 19.60 9.72
C MET A 95 1.47 20.29 8.62
N GLU A 96 2.41 21.15 9.00
CA GLU A 96 3.22 21.87 8.02
C GLU A 96 4.59 21.22 7.83
N HIS A 97 4.69 19.94 8.16
CA HIS A 97 5.91 19.18 7.97
C HIS A 97 5.60 17.85 7.31
N PRO A 98 5.22 17.90 6.02
CA PRO A 98 4.74 16.71 5.31
C PRO A 98 5.72 15.55 5.46
N GLY A 99 5.21 14.38 5.85
CA GLY A 99 6.05 13.21 6.03
C GLY A 99 6.78 13.13 7.36
N LYS A 100 6.56 14.11 8.23
CA LYS A 100 7.23 14.12 9.52
C LYS A 100 6.24 14.33 10.66
N LEU A 101 6.52 13.71 11.79
CA LEU A 101 5.73 13.94 13.01
C LEU A 101 6.52 14.81 13.97
N LEU A 102 5.96 15.98 14.29
CA LEU A 102 6.61 16.92 15.20
C LEU A 102 6.14 16.72 16.64
N PHE A 103 6.73 15.73 17.31
CA PHE A 103 6.45 15.49 18.72
C PHE A 103 6.88 16.69 19.55
N ALA A 104 8.03 17.26 19.20
CA ALA A 104 8.51 18.51 19.77
C ALA A 104 9.40 19.24 18.75
N PRO A 105 9.64 20.55 18.97
CA PRO A 105 10.48 21.29 18.04
C PRO A 105 11.85 20.64 17.85
N ASN A 106 12.29 19.90 18.86
CA ASN A 106 13.60 19.23 18.81
C ASN A 106 13.45 17.71 18.73
N LEU A 107 12.29 17.26 18.26
CA LEU A 107 12.04 15.85 18.05
C LEU A 107 11.07 15.70 16.86
N LEU A 108 11.64 15.79 15.67
CA LEU A 108 10.89 15.71 14.43
C LEU A 108 11.26 14.41 13.74
N LEU A 109 10.42 13.39 13.88
CA LEU A 109 10.74 12.07 13.37
C LEU A 109 10.02 11.75 12.05
N ASP A 110 10.75 11.18 11.10
CA ASP A 110 10.13 10.68 9.88
C ASP A 110 9.64 9.26 10.13
N ARG A 111 8.99 8.67 9.14
CA ARG A 111 8.48 7.33 9.29
C ARG A 111 9.63 6.32 9.41
N ASN A 112 10.66 6.55 8.64
CA ASN A 112 11.83 5.67 8.65
C ASN A 112 12.40 5.45 10.06
N GLN A 113 12.22 6.45 10.92
CA GLN A 113 12.72 6.36 12.28
C GLN A 113 11.68 5.77 13.23
N GLY A 114 10.49 5.57 12.73
CA GLY A 114 9.46 4.87 13.48
C GLY A 114 9.44 3.38 13.16
N GLU A 118 8.98 -0.32 18.11
CA GLU A 118 8.77 -1.40 17.14
C GLU A 118 7.38 -1.35 16.51
N GLY A 119 6.37 -1.74 17.28
CA GLY A 119 5.00 -1.75 16.80
C GLY A 119 4.40 -0.35 16.71
N MET A 120 5.24 0.63 16.40
CA MET A 120 4.81 2.01 16.30
C MET A 120 4.60 2.43 14.85
N VAL A 121 5.05 1.58 13.93
CA VAL A 121 5.05 1.91 12.50
C VAL A 121 3.65 2.21 11.95
N GLU A 122 2.71 1.33 12.27
CA GLU A 122 1.33 1.53 11.82
C GLU A 122 0.75 2.78 12.47
N ILE A 123 1.14 3.01 13.72
CA ILE A 123 0.69 4.19 14.45
C ILE A 123 1.15 5.46 13.74
N PHE A 124 2.44 5.53 13.43
CA PHE A 124 3.00 6.71 12.77
C PHE A 124 2.35 6.97 11.41
N ASP A 125 2.21 5.93 10.59
CA ASP A 125 1.62 6.10 9.27
C ASP A 125 0.20 6.67 9.34
N MET A 126 -0.59 6.17 10.29
CA MET A 126 -1.93 6.71 10.51
C MET A 126 -1.88 8.15 10.99
N LEU A 127 -0.97 8.44 11.92
CA LEU A 127 -0.80 9.79 12.42
C LEU A 127 -0.41 10.73 11.29
N LEU A 128 0.51 10.28 10.46
CA LEU A 128 0.96 11.05 9.31
C LEU A 128 -0.17 11.31 8.32
N ALA A 129 -1.03 10.32 8.12
CA ALA A 129 -2.14 10.44 7.17
C ALA A 129 -3.17 11.44 7.68
N THR A 130 -3.40 11.44 8.99
CA THR A 130 -4.32 12.39 9.58
C THR A 130 -3.73 13.80 9.47
N SER A 131 -2.41 13.88 9.62
CA SER A 131 -1.73 15.16 9.47
C SER A 131 -1.94 15.75 8.07
N SER A 132 -1.77 14.93 7.03
CA SER A 132 -1.92 15.40 5.66
C SER A 132 -3.38 15.70 5.34
N ARG A 133 -4.26 14.87 5.87
CA ARG A 133 -5.69 15.15 5.77
C ARG A 133 -6.01 16.56 6.31
N PHE A 134 -5.55 16.85 7.53
CA PHE A 134 -5.75 18.18 8.10
C PHE A 134 -5.11 19.24 7.20
N ARG A 135 -3.97 18.92 6.61
CA ARG A 135 -3.24 19.87 5.77
C ARG A 135 -4.06 20.26 4.54
N MET A 136 -4.59 19.27 3.82
CA MET A 136 -5.35 19.58 2.62
C MET A 136 -6.76 20.10 2.93
N MET A 137 -7.19 20.00 4.17
CA MET A 137 -8.47 20.59 4.57
C MET A 137 -8.28 22.04 4.99
N ASN A 138 -7.03 22.46 5.12
CA ASN A 138 -6.71 23.80 5.60
C ASN A 138 -7.29 24.03 7.00
N LEU A 139 -7.12 23.04 7.88
CA LEU A 139 -7.62 23.16 9.25
C LEU A 139 -7.06 24.40 9.93
N GLN A 140 -7.94 25.14 10.59
CA GLN A 140 -7.58 26.40 11.24
C GLN A 140 -7.43 26.21 12.74
N GLY A 141 -6.54 26.98 13.35
CA GLY A 141 -6.34 26.92 14.79
C GLY A 141 -7.63 26.99 15.59
N GLU A 142 -8.55 27.85 15.18
CA GLU A 142 -9.83 27.99 15.87
C GLU A 142 -10.67 26.70 15.79
N GLU A 143 -10.62 26.02 14.65
CA GLU A 143 -11.32 24.75 14.48
C GLU A 143 -10.67 23.66 15.30
N PHE A 144 -9.35 23.67 15.31
CA PHE A 144 -8.58 22.66 16.03
C PHE A 144 -8.92 22.61 17.52
N VAL A 145 -9.07 23.77 18.15
CA VAL A 145 -9.31 23.78 19.58
C VAL A 145 -10.74 23.30 19.90
N CYS A 146 -11.69 23.61 19.03
CA CYS A 146 -13.05 23.09 19.15
C CYS A 146 -13.05 21.56 19.07
N LEU A 147 -12.29 21.01 18.13
CA LEU A 147 -12.21 19.57 17.95
C LEU A 147 -11.64 18.90 19.19
N LYS A 148 -10.54 19.46 19.69
CA LYS A 148 -9.88 18.95 20.87
C LYS A 148 -10.83 18.90 22.06
N SER A 149 -11.59 19.98 22.23
CA SER A 149 -12.62 20.06 23.26
C SER A 149 -13.70 18.98 23.10
N ILE A 150 -14.12 18.76 21.86
CA ILE A 150 -15.12 17.74 21.57
C ILE A 150 -14.64 16.36 22.00
N ILE A 151 -13.39 16.05 21.71
CA ILE A 151 -12.77 14.79 22.14
C ILE A 151 -12.84 14.62 23.65
N LEU A 152 -12.45 15.66 24.37
CA LEU A 152 -12.54 15.69 25.81
C LEU A 152 -13.93 15.26 26.28
N LEU A 153 -14.95 15.91 25.73
CA LEU A 153 -16.32 15.76 26.22
C LEU A 153 -17.01 14.50 25.69
N ASN A 154 -16.63 14.08 24.48
CA ASN A 154 -17.24 12.91 23.85
C ASN A 154 -16.49 11.62 24.17
N SER A 155 -15.48 11.72 25.02
CA SER A 155 -14.56 10.61 25.25
C SER A 155 -15.24 9.40 25.89
N GLY A 156 -15.84 9.62 27.05
CA GLY A 156 -16.47 8.56 27.79
C GLY A 156 -17.83 8.98 28.28
N VAL A 157 -18.57 9.68 27.41
CA VAL A 157 -19.93 10.09 27.75
C VAL A 157 -20.82 8.85 27.72
N TYR A 158 -20.69 8.04 26.68
CA TYR A 158 -21.30 6.71 26.63
C TYR A 158 -20.43 5.76 27.44
N THR A 159 -20.79 5.58 28.70
CA THR A 159 -19.95 4.99 29.75
C THR A 159 -19.81 6.11 30.77
N PHE A 160 -19.54 5.75 32.02
CA PHE A 160 -19.38 6.74 33.09
C PHE A 160 -19.55 6.13 34.48
N SER A 167 -25.43 10.80 37.21
CA SER A 167 -26.40 11.83 37.57
C SER A 167 -27.48 11.96 36.51
N LEU A 168 -27.16 11.53 35.29
CA LEU A 168 -28.05 11.64 34.14
C LEU A 168 -28.14 13.09 33.66
N GLU A 169 -28.30 14.01 34.61
CA GLU A 169 -28.28 15.44 34.29
C GLU A 169 -26.87 15.80 33.82
N GLU A 170 -25.90 15.05 34.34
CA GLU A 170 -24.51 15.20 33.96
C GLU A 170 -24.34 14.98 32.45
N LYS A 171 -24.95 13.91 31.95
CA LYS A 171 -24.89 13.58 30.53
C LYS A 171 -25.52 14.69 29.70
N ASP A 172 -26.63 15.24 30.19
CA ASP A 172 -27.31 16.29 29.46
C ASP A 172 -26.47 17.57 29.36
N HIS A 173 -25.78 17.93 30.42
CA HIS A 173 -24.92 19.09 30.38
C HIS A 173 -23.84 18.95 29.31
N ILE A 174 -23.14 17.82 29.33
CA ILE A 174 -22.18 17.48 28.29
C ILE A 174 -22.74 17.67 26.89
N HIS A 175 -23.93 17.12 26.66
CA HIS A 175 -24.50 17.20 25.32
CA HIS A 175 -24.62 17.17 25.37
C HIS A 175 -24.89 18.60 24.91
N ARG A 176 -25.33 19.43 25.85
CA ARG A 176 -25.64 20.82 25.56
C ARG A 176 -24.36 21.58 25.17
N VAL A 177 -23.27 21.34 25.89
CA VAL A 177 -22.00 22.01 25.62
C VAL A 177 -21.48 21.58 24.27
N LEU A 178 -21.68 20.30 23.94
CA LEU A 178 -21.29 19.77 22.64
C LEU A 178 -22.05 20.48 21.52
N ASP A 179 -23.34 20.75 21.77
CA ASP A 179 -24.16 21.47 20.82
C ASP A 179 -23.62 22.88 20.60
N LYS A 180 -23.18 23.51 21.70
CA LYS A 180 -22.58 24.84 21.62
C LYS A 180 -21.28 24.83 20.80
N ILE A 181 -20.49 23.78 20.96
CA ILE A 181 -19.24 23.68 20.19
C ILE A 181 -19.51 23.43 18.71
N THR A 182 -20.56 22.67 18.42
CA THR A 182 -21.06 22.48 17.06
C THR A 182 -21.49 23.81 16.43
N ASP A 183 -22.25 24.62 17.18
CA ASP A 183 -22.66 25.94 16.71
C ASP A 183 -21.43 26.82 16.46
N THR A 184 -20.45 26.72 17.35
CA THR A 184 -19.24 27.53 17.24
C THR A 184 -18.51 27.20 15.95
N LEU A 185 -18.32 25.91 15.69
CA LEU A 185 -17.69 25.45 14.46
C LEU A 185 -18.41 25.99 13.23
N ILE A 186 -19.73 25.87 13.22
CA ILE A 186 -20.53 26.34 12.10
C ILE A 186 -20.36 27.85 11.91
N HIS A 187 -20.35 28.58 13.02
CA HIS A 187 -20.18 30.03 12.97
C HIS A 187 -18.84 30.42 12.37
N LEU A 188 -17.80 29.66 12.72
CA LEU A 188 -16.46 29.92 12.19
C LEU A 188 -16.43 29.73 10.69
N MET A 189 -17.20 28.77 10.21
CA MET A 189 -17.19 28.47 8.81
C MET A 189 -17.99 29.49 8.05
N ALA A 190 -19.12 29.88 8.58
CA ALA A 190 -19.95 30.91 7.96
C ALA A 190 -19.18 32.23 7.84
N LYS A 191 -18.53 32.65 8.92
CA LYS A 191 -17.69 33.85 8.90
C LYS A 191 -16.62 33.75 7.82
N ALA A 192 -15.98 32.59 7.73
CA ALA A 192 -14.97 32.35 6.71
C ALA A 192 -15.59 32.37 5.32
N GLY A 193 -16.93 32.45 5.28
CA GLY A 193 -17.64 32.61 4.02
C GLY A 193 -18.04 31.34 3.31
N LEU A 194 -18.00 30.21 4.02
CA LEU A 194 -18.50 28.97 3.44
C LEU A 194 -20.00 29.07 3.21
N THR A 195 -20.47 28.49 2.11
CA THR A 195 -21.90 28.33 1.86
C THR A 195 -22.49 27.36 2.88
N LEU A 196 -23.79 27.39 3.03
CA LEU A 196 -24.46 26.48 3.95
C LEU A 196 -24.07 25.02 3.70
N GLN A 197 -24.16 24.57 2.45
CA GLN A 197 -23.81 23.20 2.11
C GLN A 197 -22.37 22.88 2.47
N GLN A 198 -21.48 23.83 2.18
CA GLN A 198 -20.08 23.66 2.50
C GLN A 198 -19.86 23.57 3.99
N GLN A 199 -20.68 24.28 4.75
CA GLN A 199 -20.55 24.27 6.20
C GLN A 199 -20.84 22.87 6.77
N HIS A 200 -21.92 22.24 6.32
CA HIS A 200 -22.31 20.92 6.80
C HIS A 200 -21.30 19.86 6.40
N GLN A 201 -20.87 19.89 5.15
CA GLN A 201 -19.88 18.93 4.64
C GLN A 201 -18.57 18.97 5.42
N ARG A 202 -18.07 20.17 5.68
CA ARG A 202 -16.84 20.32 6.44
C ARG A 202 -17.04 19.94 7.92
N LEU A 203 -18.17 20.32 8.50
CA LEU A 203 -18.50 19.84 9.84
C LEU A 203 -18.38 18.33 9.90
N ALA A 204 -19.04 17.65 8.96
CA ALA A 204 -19.01 16.20 8.86
C ALA A 204 -17.58 15.64 8.67
N GLN A 205 -16.80 16.26 7.79
CA GLN A 205 -15.44 15.81 7.51
CA GLN A 205 -15.47 15.74 7.53
C GLN A 205 -14.57 15.87 8.77
N LEU A 206 -14.69 16.97 9.51
CA LEU A 206 -13.94 17.14 10.74
C LEU A 206 -14.28 16.07 11.78
N LEU A 207 -15.57 15.81 11.93
CA LEU A 207 -16.03 14.89 12.94
C LEU A 207 -15.71 13.44 12.59
N LEU A 208 -15.73 13.11 11.32
CA LEU A 208 -15.38 11.78 10.87
C LEU A 208 -13.92 11.52 11.17
N ILE A 209 -13.08 12.53 11.05
CA ILE A 209 -11.67 12.37 11.39
C ILE A 209 -11.50 12.03 12.87
N LEU A 210 -12.46 12.45 13.69
CA LEU A 210 -12.43 12.12 15.11
C LEU A 210 -12.49 10.60 15.36
N SER A 211 -13.26 9.87 14.55
CA SER A 211 -13.27 8.42 14.69
C SER A 211 -11.92 7.80 14.34
N HIS A 212 -11.24 8.33 13.32
CA HIS A 212 -9.87 7.89 13.03
CA HIS A 212 -9.87 7.90 13.04
C HIS A 212 -9.00 8.11 14.26
N ILE A 213 -9.17 9.27 14.90
CA ILE A 213 -8.41 9.61 16.11
C ILE A 213 -8.65 8.62 17.23
N ARG A 214 -9.91 8.24 17.43
CA ARG A 214 -10.24 7.25 18.44
C ARG A 214 -9.55 5.93 18.12
N HIS A 215 -9.63 5.52 16.86
CA HIS A 215 -9.01 4.28 16.40
C HIS A 215 -7.51 4.32 16.70
N MET A 216 -6.87 5.41 16.30
CA MET A 216 -5.45 5.64 16.52
C MET A 216 -5.10 5.53 18.00
N SER A 217 -5.96 6.08 18.84
CA SER A 217 -5.78 6.02 20.29
C SER A 217 -5.88 4.61 20.85
N ASN A 218 -6.91 3.87 20.45
CA ASN A 218 -7.07 2.48 20.87
C ASN A 218 -5.85 1.61 20.50
N LYS A 219 -5.40 1.72 19.25
CA LYS A 219 -4.24 0.95 18.83
C LYS A 219 -3.00 1.42 19.59
N GLY A 220 -2.96 2.71 19.91
CA GLY A 220 -1.84 3.27 20.65
C GLY A 220 -1.87 2.82 22.09
N MET A 221 -3.07 2.62 22.61
CA MET A 221 -3.24 2.24 24.01
C MET A 221 -3.02 0.75 24.24
N GLU A 222 -2.96 -0.03 23.15
CA GLU A 222 -2.70 -1.46 23.30
C GLU A 222 -1.26 -1.83 22.92
N HIS A 223 -0.50 -0.86 22.45
CA HIS A 223 0.95 -1.04 22.31
C HIS A 223 1.62 -0.63 23.61
N LEU A 224 1.09 0.41 24.24
CA LEU A 224 1.61 0.87 25.52
C LEU A 224 1.57 -0.26 26.55
N TYR A 225 0.63 -1.19 26.36
CA TYR A 225 0.50 -2.32 27.26
C TYR A 225 1.51 -3.42 26.94
N SER A 226 2.09 -3.36 25.74
CA SER A 226 3.18 -4.25 25.37
C SER A 226 4.43 -3.84 26.15
N MET A 227 4.26 -2.83 26.99
CA MET A 227 5.28 -2.37 27.93
C MET A 227 4.68 -2.36 29.32
N LYS A 228 5.49 -2.01 30.32
CA LYS A 228 5.08 -1.91 31.73
C LYS A 228 5.94 -2.79 32.63
N TYR A 236 -4.10 9.39 37.10
CA TYR A 236 -4.99 8.78 38.08
C TYR A 236 -4.89 9.50 39.43
N ASP A 237 -3.81 9.23 40.16
CA ASP A 237 -3.51 9.95 41.39
C ASP A 237 -3.37 11.44 41.10
N LEU A 238 -2.42 11.76 40.22
CA LEU A 238 -2.11 13.14 39.86
C LEU A 238 -3.33 13.86 39.30
N LEU A 239 -4.28 13.07 38.82
CA LEU A 239 -5.47 13.62 38.17
C LEU A 239 -6.43 14.25 39.18
N LEU A 240 -6.96 13.44 40.09
CA LEU A 240 -7.86 13.95 41.12
C LEU A 240 -7.19 15.06 41.92
N GLU A 241 -5.87 14.97 42.04
CA GLU A 241 -5.09 15.96 42.74
C GLU A 241 -5.36 17.38 42.21
N MET A 242 -5.34 17.53 40.89
CA MET A 242 -5.40 18.85 40.26
C MET A 242 -6.81 19.38 40.06
N LEU A 243 -7.76 18.49 39.82
CA LEU A 243 -9.14 18.90 39.55
C LEU A 243 -9.84 19.42 40.80
N LEU B 5 -24.57 6.22 -11.65
CA LEU B 5 -23.37 7.03 -11.80
C LEU B 5 -22.78 7.45 -10.46
N ALA B 6 -23.54 7.24 -9.38
CA ALA B 6 -23.08 7.45 -8.01
C ALA B 6 -23.08 8.91 -7.55
N LEU B 7 -22.11 9.68 -8.02
CA LEU B 7 -21.96 11.07 -7.60
C LEU B 7 -23.08 11.97 -8.14
N SER B 8 -23.92 11.40 -9.00
CA SER B 8 -24.96 12.17 -9.68
C SER B 8 -26.34 11.99 -9.02
N LEU B 9 -26.38 11.29 -7.91
CA LEU B 9 -27.64 11.00 -7.23
C LEU B 9 -28.17 12.20 -6.47
N THR B 10 -29.49 12.36 -6.47
CA THR B 10 -30.14 13.32 -5.58
C THR B 10 -30.19 12.70 -4.18
N ALA B 11 -30.52 13.51 -3.18
CA ALA B 11 -30.65 12.99 -1.82
C ALA B 11 -31.68 11.87 -1.79
N ASP B 12 -32.84 12.13 -2.39
CA ASP B 12 -33.96 11.18 -2.41
C ASP B 12 -33.60 9.85 -3.07
N GLN B 13 -32.83 9.92 -4.15
CA GLN B 13 -32.41 8.70 -4.85
C GLN B 13 -31.35 7.97 -4.04
N MET B 14 -30.49 8.73 -3.37
CA MET B 14 -29.46 8.15 -2.52
C MET B 14 -30.07 7.35 -1.38
N VAL B 15 -31.06 7.92 -0.72
CA VAL B 15 -31.67 7.27 0.43
C VAL B 15 -32.46 6.01 0.06
N SER B 16 -33.11 6.03 -1.11
CA SER B 16 -33.87 4.88 -1.56
C SER B 16 -32.93 3.78 -2.08
N ALA B 17 -31.78 4.19 -2.61
CA ALA B 17 -30.76 3.25 -3.02
C ALA B 17 -30.29 2.46 -1.79
N LEU B 18 -29.94 3.18 -0.73
CA LEU B 18 -29.49 2.55 0.51
C LEU B 18 -30.57 1.68 1.13
N LEU B 19 -31.81 2.17 1.14
CA LEU B 19 -32.93 1.38 1.67
C LEU B 19 -33.14 0.09 0.88
N ASP B 20 -33.05 0.18 -0.45
CA ASP B 20 -33.22 -0.99 -1.30
C ASP B 20 -32.14 -2.03 -1.04
N ALA B 21 -30.95 -1.55 -0.69
CA ALA B 21 -29.77 -2.42 -0.55
C ALA B 21 -29.66 -3.10 0.81
N GLU B 22 -30.54 -2.73 1.74
CA GLU B 22 -30.47 -3.26 3.11
C GLU B 22 -30.47 -4.79 3.14
N PRO B 23 -29.54 -5.38 3.91
CA PRO B 23 -29.43 -6.82 4.07
C PRO B 23 -30.60 -7.36 4.87
N PRO B 24 -30.84 -8.68 4.81
CA PRO B 24 -31.93 -9.22 5.62
C PRO B 24 -31.53 -9.35 7.09
N ILE B 25 -32.52 -9.55 7.95
CA ILE B 25 -32.25 -9.94 9.33
C ILE B 25 -32.18 -11.46 9.39
N LEU B 26 -31.09 -11.99 9.92
CA LEU B 26 -30.89 -13.44 9.99
C LEU B 26 -31.28 -13.98 11.36
N TYR B 27 -31.46 -15.30 11.43
CA TYR B 27 -31.72 -15.99 12.68
C TYR B 27 -30.49 -16.77 13.12
N SER B 28 -30.26 -16.83 14.42
CA SER B 28 -29.18 -17.67 14.93
C SER B 28 -29.48 -19.14 14.67
N GLU B 29 -28.43 -19.94 14.50
CA GLU B 29 -28.59 -21.37 14.33
C GLU B 29 -29.56 -21.85 15.40
N TYR B 30 -30.37 -22.85 15.08
CA TYR B 30 -31.38 -23.26 16.04
C TYR B 30 -30.89 -24.29 17.05
N ASP B 31 -29.57 -24.42 17.17
CA ASP B 31 -29.00 -25.17 18.27
C ASP B 31 -29.24 -24.37 19.55
N PRO B 32 -30.40 -24.59 20.19
CA PRO B 32 -30.80 -23.71 21.28
C PRO B 32 -30.14 -24.13 22.59
N THR B 33 -29.24 -25.11 22.49
CA THR B 33 -28.50 -25.65 23.63
C THR B 33 -28.26 -24.62 24.72
N ARG B 34 -29.20 -24.52 25.65
CA ARG B 34 -29.17 -23.51 26.70
C ARG B 34 -29.20 -24.22 28.05
N PRO B 35 -28.55 -23.65 29.07
CA PRO B 35 -27.83 -22.37 29.07
C PRO B 35 -26.53 -22.42 28.26
N PHE B 36 -26.05 -21.25 27.87
CA PHE B 36 -24.84 -21.14 27.07
C PHE B 36 -23.58 -21.22 27.92
N SER B 37 -22.52 -21.77 27.32
CA SER B 37 -21.17 -21.64 27.88
C SER B 37 -20.43 -20.63 27.00
N GLU B 38 -19.26 -20.18 27.44
CA GLU B 38 -18.47 -19.24 26.67
C GLU B 38 -18.27 -19.75 25.24
N ALA B 39 -17.79 -20.97 25.12
CA ALA B 39 -17.57 -21.60 23.83
C ALA B 39 -18.84 -21.62 22.97
N SER B 40 -19.96 -22.02 23.57
CA SER B 40 -21.21 -22.19 22.82
C SER B 40 -21.81 -20.87 22.35
N MET B 41 -21.72 -19.85 23.20
CA MET B 41 -22.24 -18.53 22.83
C MET B 41 -21.39 -17.88 21.73
N MET B 42 -20.08 -17.88 21.91
CA MET B 42 -19.19 -17.36 20.88
C MET B 42 -19.35 -18.18 19.61
N GLY B 43 -19.48 -19.49 19.76
CA GLY B 43 -19.73 -20.35 18.63
C GLY B 43 -20.98 -19.93 17.87
N LEU B 44 -22.05 -19.65 18.62
CA LEU B 44 -23.32 -19.23 18.03
C LEU B 44 -23.20 -17.83 17.39
N LEU B 45 -22.59 -16.89 18.09
CA LEU B 45 -22.45 -15.52 17.59
C LEU B 45 -21.61 -15.48 16.31
N THR B 46 -20.50 -16.22 16.33
CA THR B 46 -19.59 -16.31 15.20
C THR B 46 -20.27 -16.89 13.97
N ASN B 47 -21.09 -17.91 14.19
CA ASN B 47 -21.82 -18.52 13.08
C ASN B 47 -22.81 -17.52 12.50
N LEU B 48 -23.44 -16.75 13.38
CA LEU B 48 -24.34 -15.67 12.95
C LEU B 48 -23.54 -14.63 12.16
N ALA B 49 -22.44 -14.16 12.76
CA ALA B 49 -21.58 -13.16 12.14
C ALA B 49 -21.12 -13.60 10.75
N ASP B 50 -20.71 -14.86 10.62
CA ASP B 50 -20.23 -15.38 9.34
C ASP B 50 -21.28 -15.34 8.25
N ARG B 51 -22.51 -15.71 8.61
CA ARG B 51 -23.61 -15.69 7.65
C ARG B 51 -24.00 -14.26 7.28
N GLU B 52 -24.01 -13.36 8.26
CA GLU B 52 -24.25 -11.93 7.99
C GLU B 52 -23.18 -11.33 7.07
N LEU B 53 -21.94 -11.74 7.26
CA LEU B 53 -20.84 -11.25 6.45
C LEU B 53 -21.12 -11.38 4.96
N VAL B 54 -21.70 -12.49 4.56
CA VAL B 54 -22.03 -12.71 3.16
C VAL B 54 -22.97 -11.61 2.69
N HIS B 55 -24.05 -11.39 3.44
CA HIS B 55 -25.01 -10.36 3.07
C HIS B 55 -24.41 -8.95 3.13
N MET B 56 -23.49 -8.76 4.07
CA MET B 56 -22.83 -7.45 4.20
C MET B 56 -22.02 -7.10 2.96
N ILE B 57 -21.36 -8.11 2.39
CA ILE B 57 -20.53 -7.88 1.20
C ILE B 57 -21.39 -7.49 0.01
N ASN B 58 -22.48 -8.22 -0.20
CA ASN B 58 -23.48 -7.83 -1.19
C ASN B 58 -23.96 -6.42 -0.97
N TRP B 59 -24.36 -6.11 0.27
CA TRP B 59 -24.78 -4.76 0.63
C TRP B 59 -23.72 -3.71 0.24
N ALA B 60 -22.47 -3.96 0.61
CA ALA B 60 -21.39 -3.02 0.34
C ALA B 60 -21.28 -2.69 -1.16
N LYS B 61 -21.41 -3.72 -1.99
CA LYS B 61 -21.34 -3.55 -3.44
C LYS B 61 -22.44 -2.64 -3.99
N ARG B 62 -23.52 -2.47 -3.23
CA ARG B 62 -24.64 -1.62 -3.68
C ARG B 62 -24.60 -0.21 -3.08
N VAL B 63 -23.67 0.02 -2.16
CA VAL B 63 -23.45 1.36 -1.64
C VAL B 63 -22.79 2.18 -2.75
N PRO B 64 -23.43 3.30 -3.13
CA PRO B 64 -22.89 4.16 -4.19
C PRO B 64 -21.41 4.47 -4.03
N GLY B 65 -20.62 4.16 -5.05
CA GLY B 65 -19.20 4.50 -5.06
C GLY B 65 -18.29 3.35 -4.67
N PHE B 66 -18.82 2.36 -3.96
CA PHE B 66 -17.98 1.27 -3.46
C PHE B 66 -17.32 0.45 -4.57
N VAL B 67 -18.12 0.05 -5.56
CA VAL B 67 -17.57 -0.73 -6.68
C VAL B 67 -16.65 0.11 -7.59
N ASP B 68 -16.65 1.43 -7.39
CA ASP B 68 -15.74 2.30 -8.13
C ASP B 68 -14.30 2.13 -7.67
N LEU B 69 -14.13 1.64 -6.45
CA LEU B 69 -12.81 1.50 -5.85
C LEU B 69 -12.08 0.28 -6.37
N THR B 70 -10.75 0.30 -6.29
CA THR B 70 -9.96 -0.85 -6.69
C THR B 70 -10.30 -2.01 -5.76
N LEU B 71 -9.99 -3.22 -6.21
CA LEU B 71 -10.26 -4.43 -5.42
C LEU B 71 -9.59 -4.32 -4.05
N HIS B 72 -8.32 -3.94 -4.06
CA HIS B 72 -7.53 -3.76 -2.85
C HIS B 72 -8.19 -2.81 -1.85
N ASP B 73 -8.74 -1.71 -2.34
CA ASP B 73 -9.39 -0.73 -1.47
C ASP B 73 -10.75 -1.22 -0.98
N GLN B 74 -11.47 -1.95 -1.83
CA GLN B 74 -12.72 -2.57 -1.40
C GLN B 74 -12.48 -3.52 -0.23
N VAL B 75 -11.49 -4.39 -0.39
CA VAL B 75 -11.13 -5.32 0.67
C VAL B 75 -10.71 -4.61 1.94
N HIS B 76 -9.90 -3.56 1.80
CA HIS B 76 -9.41 -2.81 2.95
C HIS B 76 -10.56 -2.17 3.73
N LEU B 77 -11.47 -1.50 3.04
CA LEU B 77 -12.61 -0.87 3.70
C LEU B 77 -13.45 -1.90 4.47
N LEU B 78 -13.69 -3.05 3.86
CA LEU B 78 -14.48 -4.08 4.53
C LEU B 78 -13.74 -4.70 5.71
N GLU B 79 -12.43 -4.88 5.58
CA GLU B 79 -11.65 -5.44 6.67
CA GLU B 79 -11.59 -5.40 6.65
C GLU B 79 -11.61 -4.46 7.84
N CSO B 80 -11.58 -3.16 7.54
CA CSO B 80 -11.60 -2.16 8.60
CB CSO B 80 -11.03 -0.83 8.10
SG CSO B 80 -9.28 -1.01 7.67
C CSO B 80 -12.98 -1.95 9.25
O CSO B 80 -13.06 -1.60 10.42
OD CSO B 80 -8.29 -0.99 9.17
N ALA B 81 -14.06 -2.18 8.50
CA ALA B 81 -15.40 -1.80 8.94
C ALA B 81 -16.33 -2.92 9.39
N TRP B 82 -16.02 -4.18 9.04
CA TRP B 82 -17.02 -5.24 9.14
C TRP B 82 -17.66 -5.39 10.52
N LEU B 83 -16.86 -5.31 11.57
CA LEU B 83 -17.38 -5.44 12.92
C LEU B 83 -18.19 -4.21 13.36
N GLU B 84 -17.70 -3.01 13.03
CA GLU B 84 -18.48 -1.79 13.23
C GLU B 84 -19.85 -1.91 12.57
N ILE B 85 -19.87 -2.41 11.34
CA ILE B 85 -21.12 -2.57 10.59
C ILE B 85 -22.06 -3.55 11.27
N LEU B 86 -21.54 -4.70 11.70
CA LEU B 86 -22.34 -5.67 12.43
C LEU B 86 -22.88 -5.08 13.73
N MET B 87 -22.03 -4.33 14.43
CA MET B 87 -22.42 -3.78 15.72
C MET B 87 -23.48 -2.67 15.60
N ILE B 88 -23.37 -1.80 14.61
CA ILE B 88 -24.40 -0.79 14.44
C ILE B 88 -25.75 -1.44 14.08
N GLY B 89 -25.71 -2.49 13.26
CA GLY B 89 -26.91 -3.26 12.94
C GLY B 89 -27.57 -3.84 14.19
N LEU B 90 -26.76 -4.40 15.07
CA LEU B 90 -27.25 -4.95 16.34
C LEU B 90 -27.90 -3.86 17.19
N VAL B 91 -27.26 -2.70 17.23
CA VAL B 91 -27.76 -1.59 18.03
C VAL B 91 -29.11 -1.10 17.51
N TRP B 92 -29.22 -1.03 16.17
CA TRP B 92 -30.46 -0.65 15.53
C TRP B 92 -31.59 -1.65 15.82
N ARG B 93 -31.26 -2.94 15.80
CA ARG B 93 -32.25 -4.00 16.05
C ARG B 93 -32.69 -4.05 17.50
N SER B 94 -31.80 -3.67 18.40
CA SER B 94 -32.06 -3.77 19.84
C SER B 94 -32.77 -2.53 20.38
N MET B 95 -32.93 -1.54 19.51
CA MET B 95 -33.39 -0.22 19.92
C MET B 95 -34.73 -0.20 20.66
N GLU B 96 -35.67 -1.03 20.23
CA GLU B 96 -36.97 -1.06 20.87
C GLU B 96 -37.06 -2.20 21.89
N HIS B 97 -35.89 -2.63 22.38
CA HIS B 97 -35.83 -3.71 23.37
C HIS B 97 -34.87 -3.36 24.51
N PRO B 98 -35.23 -2.33 25.29
CA PRO B 98 -34.37 -1.78 26.35
C PRO B 98 -33.82 -2.86 27.27
N GLY B 99 -32.52 -2.77 27.57
CA GLY B 99 -31.88 -3.76 28.42
C GLY B 99 -31.47 -5.02 27.69
N LYS B 100 -31.89 -5.14 26.42
CA LYS B 100 -31.62 -6.34 25.65
C LYS B 100 -30.89 -6.08 24.33
N LEU B 101 -30.07 -7.05 23.93
CA LEU B 101 -29.42 -7.03 22.62
C LEU B 101 -30.07 -8.05 21.70
N LEU B 102 -30.70 -7.58 20.64
CA LEU B 102 -31.35 -8.48 19.70
C LEU B 102 -30.39 -8.88 18.59
N PHE B 103 -29.52 -9.85 18.89
CA PHE B 103 -28.61 -10.39 17.89
C PHE B 103 -29.42 -11.02 16.76
N ALA B 104 -30.56 -11.60 17.12
CA ALA B 104 -31.46 -12.22 16.18
C ALA B 104 -32.85 -12.34 16.83
N PRO B 105 -33.92 -12.40 16.02
CA PRO B 105 -35.24 -12.47 16.64
C PRO B 105 -35.35 -13.66 17.59
N ASN B 106 -34.61 -14.72 17.31
CA ASN B 106 -34.58 -15.88 18.17
C ASN B 106 -33.38 -15.88 19.14
N LEU B 107 -32.62 -14.79 19.15
CA LEU B 107 -31.48 -14.71 20.06
C LEU B 107 -31.39 -13.36 20.77
N LEU B 108 -32.34 -13.12 21.67
CA LEU B 108 -32.37 -11.90 22.47
C LEU B 108 -31.57 -12.13 23.74
N LEU B 109 -30.61 -11.25 24.01
CA LEU B 109 -29.76 -11.40 25.19
C LEU B 109 -29.69 -10.12 26.03
N ASP B 110 -29.85 -10.26 27.34
CA ASP B 110 -29.67 -9.13 28.25
C ASP B 110 -28.27 -9.16 28.83
N ARG B 111 -27.93 -8.11 29.59
CA ARG B 111 -26.62 -8.00 30.21
C ARG B 111 -26.31 -9.20 31.10
N ASN B 112 -27.29 -9.64 31.88
CA ASN B 112 -27.12 -10.79 32.75
C ASN B 112 -27.13 -12.10 31.96
N GLN B 113 -26.62 -12.04 30.74
CA GLN B 113 -26.55 -13.20 29.86
C GLN B 113 -25.23 -13.20 29.10
N GLY B 114 -24.42 -12.17 29.31
CA GLY B 114 -23.15 -12.05 28.63
C GLY B 114 -21.96 -12.14 29.58
N GLU B 118 -16.44 -14.20 29.45
CA GLU B 118 -17.40 -13.19 29.89
C GLU B 118 -16.78 -11.79 29.88
N GLY B 119 -15.68 -11.64 29.14
CA GLY B 119 -15.13 -10.32 28.88
C GLY B 119 -16.10 -9.58 27.99
N MET B 120 -17.19 -10.27 27.67
CA MET B 120 -18.25 -9.75 26.83
C MET B 120 -19.04 -8.66 27.56
N VAL B 121 -19.19 -8.82 28.87
CA VAL B 121 -19.98 -7.90 29.68
C VAL B 121 -19.71 -6.44 29.37
N GLU B 122 -18.44 -6.06 29.38
CA GLU B 122 -18.05 -4.69 29.07
C GLU B 122 -18.52 -4.26 27.68
N ILE B 123 -18.37 -5.14 26.70
CA ILE B 123 -18.78 -4.84 25.33
C ILE B 123 -20.31 -4.73 25.24
N PHE B 124 -21.02 -5.66 25.88
CA PHE B 124 -22.48 -5.59 25.91
C PHE B 124 -22.97 -4.27 26.49
N ASP B 125 -22.37 -3.85 27.60
CA ASP B 125 -22.75 -2.62 28.28
C ASP B 125 -22.61 -1.43 27.33
N MET B 126 -21.55 -1.44 26.53
CA MET B 126 -21.32 -0.39 25.55
C MET B 126 -22.36 -0.42 24.43
N LEU B 127 -22.71 -1.61 23.99
CA LEU B 127 -23.72 -1.78 22.94
C LEU B 127 -25.10 -1.30 23.40
N LEU B 128 -25.48 -1.65 24.62
CA LEU B 128 -26.75 -1.22 25.20
C LEU B 128 -26.81 0.29 25.43
N ALA B 129 -25.70 0.89 25.83
CA ALA B 129 -25.63 2.33 26.03
C ALA B 129 -25.89 3.05 24.71
N THR B 130 -25.23 2.60 23.64
CA THR B 130 -25.42 3.17 22.32
C THR B 130 -26.87 3.01 21.86
N SER B 131 -27.40 1.81 22.06
CA SER B 131 -28.77 1.49 21.66
C SER B 131 -29.73 2.46 22.33
N SER B 132 -29.50 2.71 23.61
CA SER B 132 -30.29 3.66 24.38
C SER B 132 -30.12 5.07 23.81
N ARG B 133 -28.91 5.41 23.39
CA ARG B 133 -28.64 6.71 22.80
C ARG B 133 -29.41 6.88 21.49
N PHE B 134 -29.46 5.82 20.69
CA PHE B 134 -30.25 5.86 19.46
C PHE B 134 -31.70 6.18 19.79
N ARG B 135 -32.23 5.49 20.78
CA ARG B 135 -33.61 5.66 21.20
C ARG B 135 -33.84 7.08 21.67
N MET B 136 -32.93 7.56 22.52
CA MET B 136 -33.03 8.88 23.12
C MET B 136 -33.04 10.00 22.07
N MET B 137 -32.36 9.81 20.94
CA MET B 137 -32.42 10.84 19.90
C MET B 137 -33.31 10.46 18.72
N ASN B 138 -34.08 9.38 18.90
CA ASN B 138 -35.09 9.00 17.93
C ASN B 138 -34.51 8.80 16.53
N LEU B 139 -33.43 8.02 16.45
CA LEU B 139 -32.79 7.75 15.17
C LEU B 139 -33.79 7.14 14.20
N GLN B 140 -33.80 7.61 12.96
CA GLN B 140 -34.75 7.12 11.96
C GLN B 140 -34.10 6.17 10.97
N GLY B 141 -34.88 5.24 10.41
CA GLY B 141 -34.37 4.29 9.44
C GLY B 141 -33.55 4.91 8.33
N GLU B 142 -34.03 6.00 7.77
CA GLU B 142 -33.32 6.70 6.70
C GLU B 142 -31.95 7.21 7.16
N GLU B 143 -31.86 7.62 8.42
CA GLU B 143 -30.62 8.12 8.99
C GLU B 143 -29.64 6.98 9.25
N PHE B 144 -30.17 5.89 9.83
CA PHE B 144 -29.38 4.69 10.11
C PHE B 144 -28.62 4.20 8.88
N VAL B 145 -29.30 4.08 7.75
CA VAL B 145 -28.66 3.57 6.54
C VAL B 145 -27.55 4.50 6.05
N CYS B 146 -27.75 5.80 6.22
CA CYS B 146 -26.72 6.78 5.89
C CYS B 146 -25.48 6.56 6.75
N LEU B 147 -25.70 6.43 8.05
CA LEU B 147 -24.59 6.27 9.00
C LEU B 147 -23.80 5.00 8.71
N LYS B 148 -24.51 3.94 8.35
CA LYS B 148 -23.90 2.65 8.05
C LYS B 148 -22.98 2.72 6.84
N SER B 149 -23.43 3.42 5.80
CA SER B 149 -22.62 3.64 4.61
C SER B 149 -21.39 4.50 4.93
N ILE B 150 -21.56 5.46 5.83
CA ILE B 150 -20.48 6.35 6.22
C ILE B 150 -19.42 5.56 6.95
N ILE B 151 -19.85 4.61 7.77
CA ILE B 151 -18.95 3.75 8.51
C ILE B 151 -18.10 2.94 7.54
N LEU B 152 -18.74 2.43 6.49
CA LEU B 152 -18.04 1.62 5.48
C LEU B 152 -16.99 2.45 4.73
N LEU B 153 -17.39 3.65 4.31
CA LEU B 153 -16.49 4.48 3.48
C LEU B 153 -15.45 5.24 4.30
N ASN B 154 -15.71 5.41 5.60
CA ASN B 154 -14.77 6.11 6.49
C ASN B 154 -13.82 5.19 7.28
N SER B 155 -14.11 3.89 7.30
CA SER B 155 -13.34 2.94 8.09
C SER B 155 -11.84 2.94 7.80
N GLY B 156 -11.47 3.11 6.53
CA GLY B 156 -10.08 3.09 6.13
C GLY B 156 -9.85 3.93 4.90
N VAL B 157 -10.29 5.19 4.95
CA VAL B 157 -10.15 6.11 3.82
C VAL B 157 -8.80 6.82 3.82
N LEU B 168 -4.10 6.51 -4.60
CA LEU B 168 -4.40 7.67 -3.75
C LEU B 168 -5.33 8.64 -4.47
N GLU B 169 -6.02 8.13 -5.49
CA GLU B 169 -6.97 8.94 -6.23
C GLU B 169 -8.40 8.73 -5.74
N GLU B 170 -8.65 7.59 -5.09
CA GLU B 170 -9.97 7.32 -4.53
C GLU B 170 -10.15 7.75 -3.07
N LYS B 171 -9.10 8.25 -2.44
CA LYS B 171 -9.27 8.91 -1.16
C LYS B 171 -10.16 10.12 -1.41
N ASP B 172 -10.00 10.72 -2.59
CA ASP B 172 -10.83 11.83 -3.01
C ASP B 172 -12.21 11.41 -3.49
N HIS B 173 -12.29 10.28 -4.18
CA HIS B 173 -13.58 9.78 -4.67
C HIS B 173 -14.45 9.35 -3.49
N ILE B 174 -13.82 8.77 -2.49
CA ILE B 174 -14.52 8.35 -1.28
C ILE B 174 -15.06 9.59 -0.55
N HIS B 175 -14.27 10.65 -0.52
CA HIS B 175 -14.67 11.86 0.16
C HIS B 175 -15.78 12.60 -0.58
N ARG B 176 -15.84 12.43 -1.89
CA ARG B 176 -16.92 13.00 -2.66
C ARG B 176 -18.26 12.32 -2.32
N VAL B 177 -18.23 11.00 -2.18
CA VAL B 177 -19.42 10.23 -1.83
C VAL B 177 -19.86 10.51 -0.39
N LEU B 178 -18.88 10.58 0.51
CA LEU B 178 -19.14 10.96 1.89
C LEU B 178 -19.86 12.30 2.00
N ASP B 179 -19.43 13.26 1.19
CA ASP B 179 -20.10 14.58 1.12
C ASP B 179 -21.55 14.45 0.67
N LYS B 180 -21.80 13.63 -0.35
CA LYS B 180 -23.16 13.44 -0.84
C LYS B 180 -24.04 12.77 0.22
N ILE B 181 -23.44 11.90 1.02
CA ILE B 181 -24.19 11.28 2.11
C ILE B 181 -24.52 12.32 3.20
N THR B 182 -23.55 13.19 3.50
CA THR B 182 -23.81 14.30 4.43
C THR B 182 -24.96 15.17 3.94
N ASP B 183 -24.96 15.49 2.63
CA ASP B 183 -26.01 16.28 2.04
C ASP B 183 -27.36 15.57 2.16
N THR B 184 -27.34 14.24 2.08
CA THR B 184 -28.55 13.46 2.19
C THR B 184 -29.09 13.46 3.62
N LEU B 185 -28.21 13.29 4.60
CA LEU B 185 -28.62 13.36 6.01
C LEU B 185 -29.23 14.73 6.33
N ILE B 186 -28.54 15.79 5.92
CA ILE B 186 -29.05 17.14 6.05
C ILE B 186 -30.43 17.26 5.40
N HIS B 187 -30.53 16.81 4.15
CA HIS B 187 -31.78 16.95 3.41
C HIS B 187 -32.94 16.23 4.11
N LEU B 188 -32.64 15.11 4.75
CA LEU B 188 -33.67 14.37 5.48
C LEU B 188 -34.13 15.15 6.70
N MET B 189 -33.19 15.80 7.36
CA MET B 189 -33.49 16.59 8.55
C MET B 189 -34.32 17.83 8.18
N ALA B 190 -33.97 18.49 7.09
CA ALA B 190 -34.72 19.63 6.61
C ALA B 190 -36.15 19.23 6.25
N LYS B 191 -36.27 18.18 5.44
CA LYS B 191 -37.59 17.66 5.08
C LYS B 191 -38.44 17.45 6.33
N ALA B 192 -37.83 16.90 7.38
CA ALA B 192 -38.52 16.62 8.62
C ALA B 192 -39.03 17.88 9.31
N GLY B 193 -38.40 19.01 9.00
CA GLY B 193 -38.85 20.29 9.53
C GLY B 193 -37.95 20.88 10.60
N LEU B 194 -36.76 20.31 10.76
CA LEU B 194 -35.81 20.83 11.73
C LEU B 194 -35.23 22.14 11.22
N THR B 195 -34.95 23.07 12.13
CA THR B 195 -34.27 24.32 11.75
C THR B 195 -32.82 24.02 11.36
N LEU B 196 -32.16 24.98 10.76
CA LEU B 196 -30.77 24.83 10.38
C LEU B 196 -29.87 24.52 11.55
N GLN B 197 -30.12 25.16 12.66
CA GLN B 197 -29.34 24.94 13.87
C GLN B 197 -29.51 23.52 14.40
N GLN B 198 -30.75 23.03 14.37
CA GLN B 198 -31.05 21.67 14.77
C GLN B 198 -30.41 20.67 13.81
N GLN B 199 -30.51 20.94 12.53
CA GLN B 199 -29.84 20.14 11.52
C GLN B 199 -28.36 19.93 11.85
N HIS B 200 -27.60 21.02 11.96
CA HIS B 200 -26.16 20.98 12.29
CA HIS B 200 -26.17 20.83 12.20
C HIS B 200 -25.88 20.18 13.56
N GLN B 201 -26.73 20.42 14.55
CA GLN B 201 -26.53 19.81 15.86
C GLN B 201 -26.77 18.31 15.83
N ARG B 202 -27.85 17.89 15.17
CA ARG B 202 -28.18 16.47 15.05
C ARG B 202 -27.14 15.75 14.20
N LEU B 203 -26.76 16.36 13.08
CA LEU B 203 -25.70 15.81 12.26
C LEU B 203 -24.49 15.52 13.14
N ALA B 204 -24.06 16.53 13.89
CA ALA B 204 -22.95 16.38 14.82
C ALA B 204 -23.15 15.25 15.82
N GLN B 205 -24.30 15.22 16.48
CA GLN B 205 -24.60 14.19 17.48
CA GLN B 205 -24.54 14.19 17.48
C GLN B 205 -24.47 12.79 16.87
N LEU B 206 -24.99 12.62 15.67
CA LEU B 206 -24.96 11.35 15.00
C LEU B 206 -23.55 10.90 14.69
N LEU B 207 -22.78 11.78 14.07
CA LEU B 207 -21.40 11.46 13.69
C LEU B 207 -20.51 11.20 14.91
N LEU B 208 -20.75 11.92 16.00
CA LEU B 208 -19.99 11.70 17.23
C LEU B 208 -20.20 10.29 17.76
N ILE B 209 -21.38 9.72 17.51
CA ILE B 209 -21.66 8.35 17.92
C ILE B 209 -20.73 7.36 17.21
N LEU B 210 -20.33 7.71 15.99
CA LEU B 210 -19.45 6.86 15.20
C LEU B 210 -18.10 6.60 15.86
N SER B 211 -17.65 7.55 16.69
CA SER B 211 -16.38 7.37 17.39
C SER B 211 -16.52 6.29 18.45
N HIS B 212 -17.69 6.24 19.07
CA HIS B 212 -17.97 5.22 20.07
C HIS B 212 -18.09 3.84 19.41
N ILE B 213 -18.68 3.81 18.23
CA ILE B 213 -18.84 2.55 17.50
C ILE B 213 -17.49 1.98 17.09
N ARG B 214 -16.59 2.88 16.67
CA ARG B 214 -15.22 2.50 16.37
CA ARG B 214 -15.22 2.49 16.37
C ARG B 214 -14.58 1.90 17.61
N HIS B 215 -14.81 2.55 18.75
CA HIS B 215 -14.24 2.11 20.03
C HIS B 215 -14.72 0.71 20.42
N MET B 216 -16.03 0.50 20.35
CA MET B 216 -16.61 -0.80 20.68
C MET B 216 -16.08 -1.88 19.74
N SER B 217 -15.82 -1.49 18.49
CA SER B 217 -15.29 -2.42 17.49
C SER B 217 -13.85 -2.82 17.81
N ASN B 218 -13.05 -1.87 18.27
CA ASN B 218 -11.67 -2.19 18.63
C ASN B 218 -11.63 -3.09 19.85
N LYS B 219 -12.50 -2.82 20.81
CA LYS B 219 -12.58 -3.63 22.01
C LYS B 219 -13.10 -5.02 21.69
N GLY B 220 -14.02 -5.09 20.72
CA GLY B 220 -14.55 -6.37 20.29
C GLY B 220 -13.50 -7.18 19.59
N MET B 221 -12.78 -6.54 18.66
CA MET B 221 -11.73 -7.21 17.93
C MET B 221 -10.64 -7.68 18.90
N GLU B 222 -10.49 -6.94 20.00
CA GLU B 222 -9.53 -7.30 21.04
C GLU B 222 -9.96 -8.59 21.73
N HIS B 223 -11.25 -8.72 22.04
CA HIS B 223 -11.78 -9.91 22.69
C HIS B 223 -11.69 -11.14 21.78
N LEU B 224 -12.01 -10.96 20.50
CA LEU B 224 -11.96 -12.05 19.54
C LEU B 224 -10.54 -12.57 19.35
N TYR B 225 -9.66 -11.70 18.83
CA TYR B 225 -8.30 -12.09 18.50
C TYR B 225 -7.56 -12.74 19.68
N SER B 226 -8.08 -12.54 20.89
CA SER B 226 -7.52 -13.22 22.06
C SER B 226 -8.31 -14.49 22.36
N MET B 227 -8.50 -15.31 21.32
CA MET B 227 -9.29 -16.53 21.43
C MET B 227 -8.95 -17.49 20.30
N VAL B 232 -13.09 -18.56 14.13
CA VAL B 232 -13.28 -17.16 13.76
C VAL B 232 -13.89 -17.01 12.37
N VAL B 233 -14.03 -15.77 11.92
CA VAL B 233 -14.70 -15.47 10.65
C VAL B 233 -13.75 -15.57 9.47
N PRO B 234 -14.26 -16.09 8.33
CA PRO B 234 -13.47 -16.26 7.10
C PRO B 234 -13.53 -15.01 6.22
N LEU B 235 -13.05 -13.88 6.74
CA LEU B 235 -13.20 -12.61 6.04
C LEU B 235 -12.43 -12.51 4.73
N TYR B 236 -11.12 -12.76 4.78
CA TYR B 236 -10.27 -12.61 3.60
C TYR B 236 -10.73 -13.48 2.41
N ASP B 237 -11.09 -14.73 2.68
CA ASP B 237 -11.52 -15.62 1.61
C ASP B 237 -12.86 -15.19 1.03
N LEU B 238 -13.79 -14.80 1.90
CA LEU B 238 -15.10 -14.32 1.44
C LEU B 238 -14.98 -13.16 0.48
N LEU B 239 -14.14 -12.18 0.85
CA LEU B 239 -13.96 -11.01 0.01
C LEU B 239 -13.41 -11.43 -1.34
N LEU B 240 -12.48 -12.37 -1.33
CA LEU B 240 -11.88 -12.87 -2.56
C LEU B 240 -12.92 -13.53 -3.47
N GLU B 241 -13.80 -14.35 -2.88
CA GLU B 241 -14.85 -15.00 -3.66
C GLU B 241 -15.85 -13.99 -4.21
N MET B 242 -16.33 -13.10 -3.33
CA MET B 242 -17.46 -12.23 -3.67
C MET B 242 -17.11 -10.88 -4.32
N LEU B 243 -15.91 -10.38 -4.08
CA LEU B 243 -15.50 -9.13 -4.71
C LEU B 243 -14.88 -9.41 -6.08
N ASP B 244 -14.88 -10.68 -6.47
CA ASP B 244 -14.39 -11.10 -7.77
C ASP B 244 -15.41 -10.76 -8.85
N ALA B 245 -15.22 -9.61 -9.50
CA ALA B 245 -16.16 -9.13 -10.51
C ALA B 245 -16.49 -10.23 -11.51
N HIS B 246 -15.56 -11.16 -11.68
CA HIS B 246 -15.68 -12.24 -12.65
C HIS B 246 -16.65 -13.31 -12.17
N ARG B 247 -16.65 -13.60 -10.87
CA ARG B 247 -17.56 -14.61 -10.31
C ARG B 247 -19.02 -14.15 -10.26
N LEU B 248 -19.92 -14.98 -10.76
CA LEU B 248 -21.32 -14.62 -10.88
C LEU B 248 -22.17 -15.23 -9.77
N HIS B 249 -21.62 -16.25 -9.11
CA HIS B 249 -22.37 -16.97 -8.09
C HIS B 249 -21.54 -17.32 -6.87
N ALA B 250 -20.79 -16.34 -6.36
CA ALA B 250 -19.99 -16.50 -5.16
C ALA B 250 -20.87 -16.31 -3.92
N PRO B 251 -20.38 -16.73 -2.75
CA PRO B 251 -19.14 -17.47 -2.57
C PRO B 251 -19.37 -18.98 -2.61
N LEU C 5 36.73 -6.72 -32.05
CA LEU C 5 35.56 -7.60 -32.08
C LEU C 5 34.32 -6.82 -32.49
N ALA C 6 34.04 -5.74 -31.77
CA ALA C 6 32.92 -4.88 -32.10
C ALA C 6 33.07 -4.31 -33.50
N LEU C 7 34.30 -3.97 -33.88
CA LEU C 7 34.54 -3.36 -35.18
C LEU C 7 34.17 -4.27 -36.34
N SER C 8 34.03 -5.56 -36.06
CA SER C 8 33.77 -6.55 -37.10
C SER C 8 32.30 -6.96 -37.24
N LEU C 9 31.46 -6.52 -36.30
CA LEU C 9 30.05 -6.90 -36.31
C LEU C 9 29.31 -6.34 -37.53
N THR C 10 28.31 -7.06 -38.01
CA THR C 10 27.39 -6.51 -39.00
C THR C 10 26.35 -5.68 -38.28
N ALA C 11 25.51 -4.99 -39.06
CA ALA C 11 24.40 -4.20 -38.51
C ALA C 11 23.46 -5.08 -37.70
N ASP C 12 23.10 -6.23 -38.25
CA ASP C 12 22.18 -7.14 -37.59
C ASP C 12 22.74 -7.73 -36.30
N GLN C 13 24.02 -8.08 -36.32
CA GLN C 13 24.69 -8.57 -35.12
C GLN C 13 24.81 -7.49 -34.05
N MET C 14 25.06 -6.25 -34.47
CA MET C 14 25.15 -5.13 -33.55
C MET C 14 23.82 -4.97 -32.81
N VAL C 15 22.73 -4.99 -33.58
CA VAL C 15 21.38 -4.89 -33.02
C VAL C 15 21.07 -6.05 -32.08
N SER C 16 21.37 -7.28 -32.53
CA SER C 16 21.09 -8.46 -31.72
C SER C 16 21.79 -8.38 -30.38
N ALA C 17 23.05 -7.93 -30.42
CA ALA C 17 23.83 -7.76 -29.19
C ALA C 17 23.17 -6.72 -28.28
N LEU C 18 22.73 -5.61 -28.86
CA LEU C 18 22.15 -4.54 -28.05
C LEU C 18 20.79 -4.95 -27.48
N LEU C 19 19.99 -5.62 -28.30
CA LEU C 19 18.70 -6.13 -27.84
C LEU C 19 18.89 -7.16 -26.72
N ASP C 20 19.81 -8.09 -26.93
CA ASP C 20 20.10 -9.12 -25.93
C ASP C 20 20.51 -8.53 -24.58
N ALA C 21 21.16 -7.37 -24.60
CA ALA C 21 21.71 -6.77 -23.39
C ALA C 21 20.76 -5.78 -22.69
N GLU C 22 19.59 -5.56 -23.27
CA GLU C 22 18.61 -4.65 -22.65
C GLU C 22 18.34 -5.00 -21.20
N PRO C 23 18.39 -4.00 -20.32
CA PRO C 23 18.04 -4.23 -18.93
C PRO C 23 16.55 -4.44 -18.79
N PRO C 24 16.11 -5.00 -17.65
CA PRO C 24 14.67 -5.18 -17.46
C PRO C 24 14.00 -3.88 -17.03
N ILE C 25 12.69 -3.81 -17.17
CA ILE C 25 11.90 -2.71 -16.62
C ILE C 25 11.68 -2.95 -15.13
N LEU C 26 12.15 -2.01 -14.30
CA LEU C 26 12.01 -2.16 -12.86
C LEU C 26 10.74 -1.51 -12.34
N TYR C 27 10.27 -1.99 -11.19
CA TYR C 27 9.09 -1.46 -10.55
C TYR C 27 9.46 -0.49 -9.46
N SER C 28 8.60 0.48 -9.21
CA SER C 28 8.79 1.34 -8.06
C SER C 28 8.45 0.55 -6.80
N GLU C 29 9.16 0.86 -5.72
CA GLU C 29 8.89 0.30 -4.40
C GLU C 29 7.39 0.19 -4.14
N TYR C 30 6.92 -0.97 -3.69
CA TYR C 30 5.55 -1.06 -3.21
C TYR C 30 5.49 -0.67 -1.74
N ASP C 31 5.01 0.56 -1.50
CA ASP C 31 4.92 1.12 -0.15
C ASP C 31 3.62 1.93 -0.08
N PRO C 32 2.48 1.23 0.06
CA PRO C 32 1.14 1.80 -0.08
C PRO C 32 0.85 2.85 0.99
N THR C 33 1.38 2.65 2.19
CA THR C 33 1.12 3.55 3.30
C THR C 33 1.99 4.82 3.27
N ARG C 34 2.93 4.86 2.34
CA ARG C 34 3.86 5.98 2.25
C ARG C 34 3.14 7.33 2.28
N SER C 37 4.09 14.08 0.13
CA SER C 37 5.15 15.07 0.31
C SER C 37 6.04 15.19 -0.93
N GLU C 38 6.74 16.31 -1.04
CA GLU C 38 7.65 16.55 -2.17
C GLU C 38 9.00 15.88 -1.95
N ALA C 39 9.11 15.10 -0.88
CA ALA C 39 10.34 14.37 -0.59
C ALA C 39 10.10 12.87 -0.64
N SER C 40 8.82 12.49 -0.53
CA SER C 40 8.43 11.09 -0.66
C SER C 40 8.38 10.73 -2.13
N MET C 41 8.02 11.70 -2.97
CA MET C 41 7.95 11.47 -4.40
C MET C 41 9.36 11.34 -4.96
N MET C 42 10.21 12.30 -4.63
CA MET C 42 11.61 12.28 -5.04
C MET C 42 12.32 11.06 -4.49
N GLY C 43 11.84 10.56 -3.35
CA GLY C 43 12.41 9.38 -2.75
C GLY C 43 12.16 8.16 -3.62
N LEU C 44 10.95 8.05 -4.14
CA LEU C 44 10.57 6.94 -5.01
C LEU C 44 11.37 6.95 -6.33
N LEU C 45 11.57 8.14 -6.89
CA LEU C 45 12.34 8.26 -8.13
C LEU C 45 13.81 7.93 -7.89
N THR C 46 14.34 8.40 -6.77
CA THR C 46 15.74 8.15 -6.42
C THR C 46 15.99 6.67 -6.14
N ASN C 47 15.07 6.04 -5.42
CA ASN C 47 15.20 4.62 -5.15
C ASN C 47 15.15 3.79 -6.42
N LEU C 48 14.23 4.13 -7.31
CA LEU C 48 14.18 3.51 -8.63
C LEU C 48 15.48 3.76 -9.42
N ALA C 49 15.86 5.02 -9.55
CA ALA C 49 17.09 5.37 -10.26
C ALA C 49 18.27 4.53 -9.77
N ASP C 50 18.45 4.48 -8.46
CA ASP C 50 19.55 3.73 -7.84
C ASP C 50 19.58 2.26 -8.24
N ARG C 51 18.41 1.62 -8.29
CA ARG C 51 18.35 0.22 -8.69
C ARG C 51 18.59 0.05 -10.18
N GLU C 52 18.14 1.01 -10.97
CA GLU C 52 18.37 0.99 -12.41
C GLU C 52 19.88 1.11 -12.75
N LEU C 53 20.61 1.86 -11.94
CA LEU C 53 22.05 2.10 -12.21
C LEU C 53 22.86 0.80 -12.25
N VAL C 54 22.53 -0.13 -11.36
CA VAL C 54 23.23 -1.41 -11.30
C VAL C 54 23.08 -2.18 -12.60
N HIS C 55 21.83 -2.29 -13.08
CA HIS C 55 21.56 -2.92 -14.36
C HIS C 55 22.19 -2.15 -15.52
N MET C 56 22.26 -0.83 -15.40
CA MET C 56 22.85 0.00 -16.45
C MET C 56 24.35 -0.29 -16.60
N ILE C 57 25.04 -0.46 -15.46
CA ILE C 57 26.46 -0.74 -15.49
C ILE C 57 26.71 -2.11 -16.11
N ASN C 58 25.83 -3.07 -15.85
CA ASN C 58 25.96 -4.38 -16.47
C ASN C 58 25.55 -4.37 -17.93
N TRP C 59 24.59 -3.53 -18.28
CA TRP C 59 24.24 -3.34 -19.68
C TRP C 59 25.42 -2.74 -20.44
N ALA C 60 26.09 -1.77 -19.82
CA ALA C 60 27.16 -1.03 -20.48
C ALA C 60 28.32 -1.94 -20.83
N LYS C 61 28.55 -2.95 -20.00
CA LYS C 61 29.63 -3.91 -20.25
C LYS C 61 29.29 -4.81 -21.42
N ARG C 62 28.02 -4.81 -21.82
CA ARG C 62 27.58 -5.63 -22.94
C ARG C 62 27.43 -4.82 -24.24
N VAL C 63 27.62 -3.51 -24.15
CA VAL C 63 27.63 -2.69 -25.36
C VAL C 63 28.92 -2.95 -26.12
N PRO C 64 28.82 -3.40 -27.39
CA PRO C 64 30.04 -3.81 -28.11
C PRO C 64 31.08 -2.69 -28.20
N GLY C 65 32.28 -2.97 -27.72
CA GLY C 65 33.36 -2.01 -27.75
C GLY C 65 33.64 -1.34 -26.41
N PHE C 66 32.72 -1.47 -25.48
CA PHE C 66 32.82 -0.75 -24.20
C PHE C 66 33.89 -1.31 -23.26
N VAL C 67 33.94 -2.64 -23.11
CA VAL C 67 34.96 -3.23 -22.26
C VAL C 67 36.35 -3.26 -22.90
N ASP C 68 36.46 -2.80 -24.14
CA ASP C 68 37.78 -2.69 -24.76
C ASP C 68 38.52 -1.50 -24.17
N LEU C 69 37.76 -0.60 -23.55
CA LEU C 69 38.31 0.63 -23.00
C LEU C 69 38.92 0.37 -21.62
N THR C 70 39.75 1.30 -21.16
CA THR C 70 40.33 1.18 -19.84
C THR C 70 39.27 1.41 -18.78
N LEU C 71 39.44 0.78 -17.63
CA LEU C 71 38.56 0.97 -16.49
C LEU C 71 38.31 2.46 -16.23
N HIS C 72 39.33 3.29 -16.35
CA HIS C 72 39.18 4.69 -16.06
C HIS C 72 38.26 5.38 -17.05
N ASP C 73 38.36 5.01 -18.31
CA ASP C 73 37.50 5.61 -19.32
C ASP C 73 36.06 5.07 -19.28
N GLN C 74 35.89 3.81 -18.88
CA GLN C 74 34.55 3.25 -18.74
C GLN C 74 33.79 4.05 -17.69
N VAL C 75 34.44 4.30 -16.56
CA VAL C 75 33.83 5.04 -15.46
C VAL C 75 33.48 6.44 -15.90
N HIS C 76 34.40 7.07 -16.62
CA HIS C 76 34.19 8.44 -17.07
C HIS C 76 32.95 8.53 -17.95
N LEU C 77 32.81 7.57 -18.87
CA LEU C 77 31.67 7.55 -19.78
C LEU C 77 30.35 7.38 -19.03
N LEU C 78 30.33 6.47 -18.06
CA LEU C 78 29.13 6.24 -17.27
C LEU C 78 28.80 7.44 -16.41
N GLU C 79 29.83 8.07 -15.84
CA GLU C 79 29.63 9.27 -15.02
C GLU C 79 28.99 10.40 -15.79
N CSO C 80 29.40 10.59 -17.04
CA CSO C 80 28.82 11.64 -17.88
CB CSO C 80 29.77 12.03 -19.02
SG CSO C 80 31.33 12.71 -18.39
C CSO C 80 27.44 11.29 -18.43
O CSO C 80 26.63 12.18 -18.67
OD CSO C 80 31.08 14.41 -17.91
N ALA C 81 27.15 10.01 -18.65
CA ALA C 81 25.96 9.63 -19.39
C ALA C 81 24.77 9.14 -18.56
N TRP C 82 24.99 8.82 -17.29
CA TRP C 82 24.00 8.02 -16.55
C TRP C 82 22.57 8.58 -16.58
N LEU C 83 22.42 9.88 -16.30
CA LEU C 83 21.09 10.48 -16.26
C LEU C 83 20.48 10.54 -17.65
N GLU C 84 21.30 10.82 -18.65
CA GLU C 84 20.84 10.85 -20.03
C GLU C 84 20.28 9.49 -20.42
N ILE C 85 20.96 8.44 -19.96
CA ILE C 85 20.52 7.08 -20.29
C ILE C 85 19.25 6.70 -19.54
N LEU C 86 19.16 7.07 -18.27
CA LEU C 86 17.91 6.92 -17.53
C LEU C 86 16.77 7.63 -18.24
N MET C 87 17.01 8.87 -18.68
CA MET C 87 15.97 9.66 -19.33
C MET C 87 15.51 9.07 -20.66
N ILE C 88 16.44 8.66 -21.50
CA ILE C 88 16.00 8.11 -22.77
C ILE C 88 15.15 6.84 -22.56
N GLY C 89 15.47 6.08 -21.52
CA GLY C 89 14.68 4.91 -21.19
C GLY C 89 13.28 5.30 -20.75
N LEU C 90 13.22 6.29 -19.86
CA LEU C 90 11.96 6.86 -19.40
C LEU C 90 11.09 7.26 -20.57
N VAL C 91 11.67 8.06 -21.47
CA VAL C 91 10.94 8.56 -22.63
C VAL C 91 10.46 7.42 -23.52
N TRP C 92 11.31 6.40 -23.67
CA TRP C 92 10.93 5.21 -24.45
C TRP C 92 9.75 4.46 -23.82
N ARG C 93 9.77 4.25 -22.50
CA ARG C 93 8.67 3.58 -21.80
C ARG C 93 7.35 4.36 -21.88
N SER C 94 7.46 5.68 -21.95
CA SER C 94 6.29 6.56 -21.88
C SER C 94 5.67 6.76 -23.25
N MET C 95 6.34 6.23 -24.26
CA MET C 95 5.99 6.48 -25.64
C MET C 95 4.52 6.18 -25.94
N GLU C 96 4.05 5.03 -25.48
CA GLU C 96 2.69 4.60 -25.76
C GLU C 96 1.69 5.12 -24.72
N HIS C 97 2.07 6.18 -24.01
CA HIS C 97 1.19 6.78 -23.02
C HIS C 97 1.21 8.30 -23.12
N PRO C 98 0.54 8.85 -24.15
CA PRO C 98 0.57 10.30 -24.37
C PRO C 98 0.13 11.06 -23.12
N GLY C 99 0.89 12.08 -22.75
CA GLY C 99 0.55 12.88 -21.59
C GLY C 99 1.13 12.35 -20.30
N LYS C 100 1.68 11.14 -20.33
CA LYS C 100 2.18 10.51 -19.12
C LYS C 100 3.63 10.03 -19.21
N LEU C 101 4.30 10.01 -18.06
CA LEU C 101 5.65 9.50 -17.91
C LEU C 101 5.62 8.20 -17.11
N LEU C 102 5.97 7.10 -17.78
CA LEU C 102 6.00 5.79 -17.14
C LEU C 102 7.36 5.53 -16.50
N PHE C 103 7.53 6.06 -15.30
CA PHE C 103 8.76 5.82 -14.55
C PHE C 103 8.88 4.34 -14.24
N ALA C 104 7.73 3.73 -13.94
CA ALA C 104 7.64 2.28 -13.78
C ALA C 104 6.20 1.85 -14.10
N PRO C 105 5.98 0.54 -14.28
CA PRO C 105 4.63 0.10 -14.61
C PRO C 105 3.63 0.48 -13.52
N ASN C 106 4.12 0.67 -12.30
CA ASN C 106 3.30 1.07 -11.17
C ASN C 106 3.59 2.50 -10.71
N LEU C 107 4.23 3.27 -11.58
CA LEU C 107 4.48 4.69 -11.31
C LEU C 107 4.38 5.46 -12.61
N LEU C 108 3.15 5.76 -13.01
CA LEU C 108 2.86 6.51 -14.22
C LEU C 108 2.41 7.89 -13.78
N LEU C 109 3.11 8.92 -14.25
CA LEU C 109 2.87 10.29 -13.79
C LEU C 109 2.53 11.26 -14.92
N ASP C 110 1.53 12.11 -14.70
CA ASP C 110 1.24 13.19 -15.63
C ASP C 110 1.95 14.45 -15.16
N ARG C 111 1.80 15.54 -15.92
CA ARG C 111 2.48 16.78 -15.60
C ARG C 111 1.89 17.45 -14.35
N ASN C 112 0.60 17.26 -14.13
CA ASN C 112 -0.07 17.83 -12.97
C ASN C 112 0.44 17.20 -11.67
N GLN C 113 0.75 15.91 -11.72
CA GLN C 113 1.32 15.23 -10.57
C GLN C 113 2.76 15.68 -10.37
N GLY C 114 3.43 15.99 -11.47
CA GLY C 114 4.80 16.44 -11.44
C GLY C 114 4.94 17.86 -10.92
N LYS C 115 3.83 18.59 -10.93
CA LYS C 115 3.81 19.93 -10.38
C LYS C 115 3.97 19.90 -8.86
N CYS C 116 3.64 18.75 -8.26
CA CYS C 116 3.66 18.58 -6.81
C CYS C 116 5.01 18.97 -6.21
N VAL C 117 6.04 18.16 -6.45
CA VAL C 117 7.38 18.51 -6.02
C VAL C 117 8.01 19.45 -7.04
N GLU C 118 7.97 20.75 -6.71
CA GLU C 118 8.35 21.80 -7.66
C GLU C 118 9.78 21.69 -8.16
N GLY C 119 10.11 22.53 -9.14
CA GLY C 119 11.41 22.51 -9.78
C GLY C 119 11.47 21.40 -10.81
N MET C 120 10.53 20.47 -10.73
CA MET C 120 10.51 19.29 -11.59
C MET C 120 9.57 19.44 -12.79
N VAL C 121 8.62 20.37 -12.68
CA VAL C 121 7.60 20.51 -13.72
C VAL C 121 8.21 20.78 -15.09
N GLU C 122 9.26 21.58 -15.09
CA GLU C 122 9.92 21.96 -16.34
C GLU C 122 10.56 20.75 -17.01
N ILE C 123 11.25 19.92 -16.23
CA ILE C 123 11.86 18.71 -16.76
C ILE C 123 10.79 17.75 -17.28
N PHE C 124 9.71 17.59 -16.53
CA PHE C 124 8.64 16.70 -16.94
C PHE C 124 8.09 17.04 -18.31
N ASP C 125 7.86 18.33 -18.56
CA ASP C 125 7.32 18.76 -19.85
C ASP C 125 8.32 18.52 -20.98
N MET C 126 9.60 18.70 -20.70
CA MET C 126 10.61 18.40 -21.70
C MET C 126 10.58 16.90 -22.03
N LEU C 127 10.61 16.08 -20.99
CA LEU C 127 10.52 14.62 -21.16
C LEU C 127 9.30 14.24 -21.97
N LEU C 128 8.14 14.78 -21.60
CA LEU C 128 6.90 14.52 -22.31
C LEU C 128 7.01 14.88 -23.79
N ALA C 129 7.56 16.06 -24.07
CA ALA C 129 7.71 16.51 -25.46
C ALA C 129 8.57 15.54 -26.26
N THR C 130 9.68 15.10 -25.67
CA THR C 130 10.58 14.15 -26.33
C THR C 130 9.85 12.83 -26.58
N SER C 131 9.04 12.41 -25.62
CA SER C 131 8.27 11.17 -25.77
C SER C 131 7.28 11.29 -26.93
N SER C 132 6.60 12.43 -27.01
CA SER C 132 5.67 12.72 -28.11
C SER C 132 6.42 12.66 -29.43
N ARG C 133 7.57 13.30 -29.46
CA ARG C 133 8.41 13.33 -30.65
C ARG C 133 8.73 11.91 -31.14
N PHE C 134 9.16 11.04 -30.23
CA PHE C 134 9.44 9.66 -30.62
C PHE C 134 8.17 8.95 -31.11
N ARG C 135 7.04 9.25 -30.49
CA ARG C 135 5.78 8.65 -30.92
C ARG C 135 5.47 8.97 -32.38
N MET C 136 5.56 10.24 -32.75
CA MET C 136 5.22 10.65 -34.11
C MET C 136 6.23 10.16 -35.14
N MET C 137 7.48 9.98 -34.73
CA MET C 137 8.50 9.44 -35.61
C MET C 137 8.39 7.92 -35.75
N ASN C 138 7.56 7.30 -34.93
CA ASN C 138 7.47 5.84 -34.91
C ASN C 138 8.85 5.23 -34.63
N LEU C 139 9.51 5.71 -33.56
CA LEU C 139 10.82 5.21 -33.17
C LEU C 139 10.75 3.72 -32.84
N GLN C 140 11.66 2.95 -33.43
CA GLN C 140 11.65 1.49 -33.26
C GLN C 140 12.60 1.06 -32.15
N GLY C 141 12.28 -0.08 -31.53
CA GLY C 141 13.09 -0.64 -30.46
C GLY C 141 14.55 -0.82 -30.84
N GLU C 142 14.79 -1.25 -32.08
CA GLU C 142 16.16 -1.43 -32.55
C GLU C 142 16.89 -0.09 -32.68
N GLU C 143 16.18 0.93 -33.16
CA GLU C 143 16.74 2.28 -33.20
C GLU C 143 17.02 2.78 -31.79
N PHE C 144 16.08 2.54 -30.88
CA PHE C 144 16.22 2.99 -29.50
C PHE C 144 17.50 2.51 -28.84
N VAL C 145 17.83 1.23 -29.03
CA VAL C 145 19.02 0.67 -28.40
C VAL C 145 20.31 1.28 -28.99
N CYS C 146 20.30 1.55 -30.29
CA CYS C 146 21.43 2.20 -30.94
C CYS C 146 21.65 3.60 -30.36
N LEU C 147 20.58 4.34 -30.18
CA LEU C 147 20.65 5.69 -29.61
C LEU C 147 21.24 5.67 -28.21
N LYS C 148 20.73 4.76 -27.37
CA LYS C 148 21.18 4.65 -26.00
C LYS C 148 22.68 4.37 -25.93
N SER C 149 23.13 3.46 -26.79
CA SER C 149 24.55 3.16 -26.92
C SER C 149 25.38 4.37 -27.38
N ILE C 150 24.85 5.12 -28.35
CA ILE C 150 25.51 6.35 -28.79
C ILE C 150 25.69 7.31 -27.62
N ILE C 151 24.65 7.49 -26.82
CA ILE C 151 24.71 8.34 -25.64
C ILE C 151 25.85 7.94 -24.70
N LEU C 152 26.00 6.64 -24.46
CA LEU C 152 27.02 6.12 -23.56
C LEU C 152 28.43 6.45 -24.02
N LEU C 153 28.66 6.31 -25.32
CA LEU C 153 30.01 6.46 -25.88
C LEU C 153 30.33 7.91 -26.20
N ASN C 154 29.32 8.68 -26.55
CA ASN C 154 29.52 10.06 -27.02
C ASN C 154 29.60 11.13 -25.93
N SER C 155 28.87 10.93 -24.84
CA SER C 155 28.68 11.99 -23.84
C SER C 155 29.95 12.45 -23.14
N GLY C 156 30.86 11.52 -22.87
CA GLY C 156 32.08 11.84 -22.17
C GLY C 156 33.33 11.77 -23.04
N VAL C 157 33.14 11.52 -24.33
CA VAL C 157 34.28 11.35 -25.23
C VAL C 157 35.11 12.61 -25.42
N TYR C 158 34.50 13.78 -25.39
CA TYR C 158 35.23 15.06 -25.49
C TYR C 158 35.70 15.61 -24.16
N THR C 159 35.75 14.78 -23.16
CA THR C 159 36.16 15.26 -21.84
C THR C 159 37.25 14.39 -21.22
N PHE C 160 37.81 13.48 -22.01
CA PHE C 160 38.77 12.50 -21.50
C PHE C 160 40.03 13.09 -20.86
N LEU C 161 40.34 14.35 -21.17
CA LEU C 161 41.53 15.01 -20.63
C LEU C 161 42.81 14.38 -21.18
N SER C 163 46.46 13.33 -22.64
CA SER C 163 47.50 13.55 -23.62
C SER C 163 48.15 12.25 -24.10
N THR C 164 48.22 11.27 -23.21
CA THR C 164 48.86 9.99 -23.47
C THR C 164 48.49 9.38 -24.82
N LEU C 165 49.34 8.49 -25.31
CA LEU C 165 49.04 7.72 -26.52
C LEU C 165 47.78 6.89 -26.31
N LYS C 166 47.65 6.32 -25.12
CA LYS C 166 46.48 5.53 -24.75
C LYS C 166 45.19 6.32 -24.91
N SER C 167 45.14 7.52 -24.35
CA SER C 167 43.92 8.32 -24.39
C SER C 167 43.50 8.58 -25.84
N LEU C 168 44.48 8.76 -26.72
CA LEU C 168 44.22 8.97 -28.14
C LEU C 168 43.67 7.71 -28.82
N GLU C 169 44.19 6.55 -28.42
CA GLU C 169 43.68 5.28 -28.93
C GLU C 169 42.24 5.05 -28.46
N GLU C 170 41.98 5.39 -27.19
CA GLU C 170 40.66 5.22 -26.61
C GLU C 170 39.65 6.09 -27.36
N LYS C 171 40.00 7.34 -27.60
CA LYS C 171 39.14 8.25 -28.33
C LYS C 171 38.87 7.76 -29.76
N ASP C 172 39.91 7.29 -30.45
CA ASP C 172 39.74 6.79 -31.82
C ASP C 172 38.87 5.55 -31.86
N HIS C 173 39.08 4.64 -30.92
CA HIS C 173 38.27 3.42 -30.83
C HIS C 173 36.79 3.77 -30.66
N ILE C 174 36.51 4.70 -29.74
CA ILE C 174 35.14 5.15 -29.50
C ILE C 174 34.51 5.69 -30.79
N HIS C 175 35.24 6.47 -31.53
CA HIS C 175 34.72 7.01 -32.77
C HIS C 175 34.45 5.99 -33.81
N ARG C 176 35.24 4.96 -33.83
CA ARG C 176 35.02 3.86 -34.76
C ARG C 176 33.77 3.06 -34.38
N VAL C 177 33.57 2.79 -33.10
CA VAL C 177 32.36 2.11 -32.68
C VAL C 177 31.13 2.95 -33.03
N LEU C 178 31.17 4.24 -32.69
CA LEU C 178 30.07 5.15 -33.03
C LEU C 178 29.79 5.10 -34.51
N ASP C 179 30.84 5.05 -35.32
CA ASP C 179 30.70 4.89 -36.76
C ASP C 179 29.90 3.62 -37.11
N LYS C 180 30.23 2.51 -36.45
CA LYS C 180 29.54 1.25 -36.68
C LYS C 180 28.06 1.34 -36.26
N ILE C 181 27.77 2.09 -35.22
CA ILE C 181 26.39 2.28 -34.81
C ILE C 181 25.65 3.16 -35.83
N THR C 182 26.35 4.16 -36.37
CA THR C 182 25.81 4.93 -37.48
C THR C 182 25.42 4.04 -38.66
N ASP C 183 26.33 3.16 -39.10
CA ASP C 183 26.04 2.23 -40.18
C ASP C 183 24.86 1.31 -39.82
N THR C 184 24.75 0.96 -38.54
CA THR C 184 23.70 0.06 -38.07
C THR C 184 22.33 0.72 -38.22
N LEU C 185 22.22 1.97 -37.77
CA LEU C 185 20.97 2.73 -37.90
C LEU C 185 20.56 2.91 -39.35
N ILE C 186 21.50 3.27 -40.20
CA ILE C 186 21.23 3.43 -41.63
C ILE C 186 20.72 2.11 -42.23
N HIS C 187 21.40 1.01 -41.90
CA HIS C 187 21.00 -0.30 -42.39
C HIS C 187 19.58 -0.67 -41.96
N LEU C 188 19.26 -0.42 -40.68
CA LEU C 188 17.92 -0.66 -40.18
C LEU C 188 16.90 0.15 -40.98
N MET C 189 17.24 1.40 -41.29
CA MET C 189 16.36 2.27 -42.05
C MET C 189 16.15 1.78 -43.47
N ALA C 190 17.24 1.37 -44.12
CA ALA C 190 17.16 0.76 -45.44
C ALA C 190 16.27 -0.49 -45.43
N LYS C 191 16.59 -1.45 -44.57
CA LYS C 191 15.77 -2.66 -44.43
C LYS C 191 14.28 -2.34 -44.28
N ALA C 192 13.98 -1.25 -43.58
CA ALA C 192 12.60 -0.83 -43.39
C ALA C 192 12.03 -0.18 -44.65
N GLY C 193 12.86 -0.06 -45.68
CA GLY C 193 12.39 0.39 -46.98
C GLY C 193 12.59 1.88 -47.26
N LEU C 194 12.98 2.64 -46.25
CA LEU C 194 13.21 4.07 -46.43
C LEU C 194 14.18 4.33 -47.56
N THR C 195 14.02 5.44 -48.25
CA THR C 195 14.94 5.84 -49.31
C THR C 195 16.21 6.43 -48.73
N LEU C 196 17.20 6.62 -49.57
CA LEU C 196 18.46 7.14 -49.14
C LEU C 196 18.36 8.54 -48.54
N GLN C 197 17.51 9.37 -49.12
CA GLN C 197 17.27 10.70 -48.60
C GLN C 197 16.61 10.63 -47.23
N GLN C 198 15.57 9.79 -47.14
CA GLN C 198 14.85 9.62 -45.89
C GLN C 198 15.78 9.05 -44.84
N GLN C 199 16.64 8.12 -45.24
CA GLN C 199 17.62 7.56 -44.31
C GLN C 199 18.52 8.62 -43.67
N HIS C 200 19.06 9.54 -44.46
CA HIS C 200 19.88 10.65 -43.95
CA HIS C 200 19.89 10.56 -43.84
C HIS C 200 19.04 11.55 -43.04
N GLN C 201 17.83 11.84 -43.50
CA GLN C 201 16.95 12.75 -42.78
C GLN C 201 16.57 12.20 -41.41
N ARG C 202 16.25 10.91 -41.36
CA ARG C 202 15.84 10.29 -40.11
C ARG C 202 17.02 10.16 -39.16
N LEU C 203 18.18 9.77 -39.69
CA LEU C 203 19.38 9.69 -38.88
C LEU C 203 19.64 11.02 -38.20
N ALA C 204 19.49 12.10 -38.97
CA ALA C 204 19.73 13.45 -38.46
C ALA C 204 18.69 13.81 -37.42
N GLN C 205 17.43 13.47 -37.67
CA GLN C 205 16.37 13.75 -36.71
C GLN C 205 16.67 13.09 -35.37
N LEU C 206 17.06 11.83 -35.41
CA LEU C 206 17.38 11.06 -34.22
C LEU C 206 18.55 11.65 -33.44
N LEU C 207 19.62 11.93 -34.13
CA LEU C 207 20.80 12.45 -33.45
C LEU C 207 20.54 13.83 -32.85
N LEU C 208 19.74 14.64 -33.52
CA LEU C 208 19.32 15.93 -33.02
C LEU C 208 18.55 15.83 -31.71
N ILE C 209 17.70 14.81 -31.57
CA ILE C 209 16.96 14.65 -30.31
C ILE C 209 17.95 14.45 -29.17
N LEU C 210 19.08 13.82 -29.48
CA LEU C 210 20.14 13.62 -28.50
C LEU C 210 20.63 14.92 -27.85
N SER C 211 20.70 16.02 -28.61
CA SER C 211 21.02 17.31 -27.99
C SER C 211 19.94 17.70 -26.98
N HIS C 212 18.68 17.41 -27.30
CA HIS C 212 17.61 17.67 -26.34
C HIS C 212 17.85 16.86 -25.07
N ILE C 213 18.21 15.58 -25.26
CA ILE C 213 18.44 14.69 -24.14
C ILE C 213 19.59 15.17 -23.26
N ARG C 214 20.64 15.70 -23.87
CA ARG C 214 21.76 16.27 -23.12
C ARG C 214 21.29 17.45 -22.29
N HIS C 215 20.51 18.32 -22.91
CA HIS C 215 19.96 19.51 -22.25
C HIS C 215 19.14 19.10 -21.02
N MET C 216 18.24 18.15 -21.21
CA MET C 216 17.36 17.71 -20.11
C MET C 216 18.20 17.17 -18.97
N SER C 217 19.24 16.42 -19.30
CA SER C 217 20.12 15.86 -18.30
C SER C 217 20.80 16.94 -17.47
N ASN C 218 21.37 17.94 -18.15
CA ASN C 218 22.02 19.06 -17.48
C ASN C 218 21.04 19.76 -16.52
N LYS C 219 19.83 20.02 -17.01
CA LYS C 219 18.80 20.62 -16.16
C LYS C 219 18.50 19.71 -14.97
N GLY C 220 18.32 18.42 -15.24
CA GLY C 220 18.02 17.45 -14.21
C GLY C 220 19.12 17.38 -13.17
N MET C 221 20.38 17.42 -13.63
CA MET C 221 21.52 17.36 -12.73
C MET C 221 21.56 18.60 -11.84
N GLU C 222 21.19 19.75 -12.41
CA GLU C 222 21.14 20.99 -11.64
C GLU C 222 20.09 20.90 -10.54
N HIS C 223 18.88 20.50 -10.91
CA HIS C 223 17.81 20.34 -9.93
C HIS C 223 18.17 19.30 -8.87
N LEU C 224 18.87 18.26 -9.29
CA LEU C 224 19.27 17.20 -8.37
C LEU C 224 20.19 17.70 -7.28
N TYR C 225 20.68 18.92 -7.43
CA TYR C 225 21.45 19.50 -6.34
C TYR C 225 20.84 20.75 -5.73
N SER C 226 19.73 21.22 -6.29
CA SER C 226 18.92 22.21 -5.59
C SER C 226 18.28 21.49 -4.41
N MET C 227 18.49 20.18 -4.36
CA MET C 227 17.96 19.34 -3.28
C MET C 227 19.04 18.42 -2.73
N TYR C 236 31.94 7.74 -9.11
CA TYR C 236 31.30 6.87 -8.13
C TYR C 236 32.24 5.75 -7.73
N ASP C 237 31.99 5.16 -6.56
CA ASP C 237 32.71 3.97 -6.12
C ASP C 237 32.07 2.71 -6.68
N LEU C 238 30.76 2.78 -6.90
CA LEU C 238 29.99 1.64 -7.42
C LEU C 238 30.48 1.24 -8.80
N LEU C 239 30.70 2.24 -9.65
CA LEU C 239 31.21 2.00 -10.99
C LEU C 239 32.42 1.08 -10.95
N LEU C 240 33.40 1.43 -10.10
CA LEU C 240 34.63 0.66 -10.00
C LEU C 240 34.38 -0.78 -9.56
N GLU C 241 33.64 -0.95 -8.48
CA GLU C 241 33.41 -2.28 -7.91
C GLU C 241 33.02 -3.32 -8.97
N MET C 242 32.04 -2.99 -9.79
CA MET C 242 31.51 -3.96 -10.75
C MET C 242 32.15 -3.88 -12.13
N LEU C 243 32.70 -2.72 -12.48
CA LEU C 243 33.38 -2.60 -13.77
C LEU C 243 34.71 -3.38 -13.74
N ASP C 244 35.18 -3.69 -12.54
CA ASP C 244 36.39 -4.48 -12.37
C ASP C 244 36.06 -5.88 -11.84
N ALA D 6 -5.15 -21.67 -24.49
CA ALA D 6 -3.99 -22.12 -23.72
C ALA D 6 -3.80 -23.63 -23.86
N LEU D 7 -4.88 -24.39 -23.69
CA LEU D 7 -4.86 -25.82 -23.91
C LEU D 7 -4.80 -26.12 -25.40
N SER D 8 -4.83 -25.07 -26.22
CA SER D 8 -4.76 -25.20 -27.66
C SER D 8 -3.33 -25.04 -28.17
N LEU D 9 -2.46 -24.55 -27.29
CA LEU D 9 -1.06 -24.34 -27.63
C LEU D 9 -0.38 -25.66 -27.96
N THR D 10 0.65 -25.60 -28.81
CA THR D 10 1.48 -26.76 -29.08
C THR D 10 2.61 -26.82 -28.06
N ALA D 11 3.28 -27.96 -27.98
CA ALA D 11 4.44 -28.08 -27.10
C ALA D 11 5.39 -26.91 -27.32
N ASP D 12 5.76 -26.68 -28.58
CA ASP D 12 6.75 -25.66 -28.91
C ASP D 12 6.28 -24.24 -28.62
N GLN D 13 4.98 -24.03 -28.62
CA GLN D 13 4.41 -22.71 -28.34
C GLN D 13 4.19 -22.51 -26.85
N MET D 14 4.09 -23.61 -26.12
CA MET D 14 4.00 -23.55 -24.67
C MET D 14 5.37 -23.14 -24.13
N VAL D 15 6.43 -23.73 -24.69
CA VAL D 15 7.79 -23.45 -24.24
C VAL D 15 8.21 -22.00 -24.45
N SER D 16 8.02 -21.49 -25.67
CA SER D 16 8.45 -20.12 -25.99
C SER D 16 7.63 -19.10 -25.22
N ALA D 17 6.39 -19.46 -24.89
CA ALA D 17 5.56 -18.61 -24.04
C ALA D 17 6.17 -18.53 -22.66
N LEU D 18 6.62 -19.66 -22.14
CA LEU D 18 7.20 -19.72 -20.81
C LEU D 18 8.54 -19.01 -20.79
N LEU D 19 9.34 -19.22 -21.83
CA LEU D 19 10.59 -18.49 -21.93
C LEU D 19 10.36 -16.98 -22.00
N ASP D 20 9.36 -16.55 -22.78
CA ASP D 20 9.09 -15.13 -22.94
C ASP D 20 8.61 -14.48 -21.65
N ALA D 21 7.92 -15.26 -20.83
CA ALA D 21 7.34 -14.75 -19.58
C ALA D 21 8.36 -14.66 -18.45
N GLU D 22 9.54 -15.25 -18.64
CA GLU D 22 10.55 -15.31 -17.57
C GLU D 22 10.82 -13.96 -16.93
N PRO D 23 10.81 -13.92 -15.58
CA PRO D 23 11.11 -12.68 -14.87
C PRO D 23 12.60 -12.38 -14.96
N PRO D 24 13.00 -11.16 -14.59
CA PRO D 24 14.41 -10.77 -14.61
C PRO D 24 15.14 -11.21 -13.35
N ILE D 25 16.47 -11.25 -13.43
CA ILE D 25 17.32 -11.42 -12.27
C ILE D 25 17.52 -10.05 -11.61
N LEU D 26 17.19 -9.95 -10.33
CA LEU D 26 17.33 -8.69 -9.61
C LEU D 26 18.62 -8.70 -8.81
N TYR D 27 19.08 -7.51 -8.44
CA TYR D 27 20.26 -7.39 -7.58
C TYR D 27 19.83 -7.08 -6.15
N SER D 28 20.66 -7.46 -5.20
CA SER D 28 20.44 -7.06 -3.81
C SER D 28 20.64 -5.55 -3.71
N GLU D 29 19.96 -4.93 -2.75
CA GLU D 29 20.16 -3.50 -2.52
C GLU D 29 21.64 -3.26 -2.27
N TYR D 30 22.21 -2.29 -2.98
CA TYR D 30 23.65 -2.04 -2.92
C TYR D 30 24.10 -1.71 -1.50
N ASP D 31 23.16 -1.30 -0.66
CA ASP D 31 23.44 -1.01 0.74
C ASP D 31 24.03 -2.23 1.43
N PRO D 32 25.33 -2.21 1.71
CA PRO D 32 26.00 -3.36 2.33
C PRO D 32 25.95 -3.33 3.85
N THR D 33 27.06 -2.93 4.45
CA THR D 33 27.34 -3.20 5.84
C THR D 33 27.68 -4.68 5.97
N ARG D 34 28.85 -5.05 5.46
CA ARG D 34 29.39 -6.40 5.60
C ARG D 34 30.50 -6.40 6.64
N PRO D 35 30.58 -7.45 7.45
CA PRO D 35 29.78 -8.67 7.35
C PRO D 35 28.33 -8.46 7.79
N PHE D 36 27.51 -9.48 7.59
CA PHE D 36 26.11 -9.41 7.98
C PHE D 36 25.91 -9.95 9.39
N SER D 37 24.88 -9.45 10.06
CA SER D 37 24.37 -10.08 11.27
C SER D 37 23.14 -10.85 10.84
N GLU D 38 22.51 -11.54 11.78
CA GLU D 38 21.28 -12.26 11.48
C GLU D 38 20.25 -11.31 10.86
N ALA D 39 19.91 -10.27 11.62
CA ALA D 39 18.86 -9.33 11.23
C ALA D 39 19.15 -8.62 9.90
N SER D 40 20.43 -8.46 9.55
CA SER D 40 20.80 -7.70 8.37
C SER D 40 20.83 -8.55 7.09
N MET D 41 21.31 -9.78 7.19
CA MET D 41 21.25 -10.69 6.04
C MET D 41 19.79 -10.98 5.69
N MET D 42 19.01 -11.37 6.68
CA MET D 42 17.59 -11.63 6.47
C MET D 42 16.88 -10.39 5.90
N GLY D 43 17.33 -9.21 6.33
CA GLY D 43 16.80 -7.95 5.82
C GLY D 43 17.07 -7.78 4.34
N LEU D 44 18.29 -8.12 3.93
CA LEU D 44 18.66 -8.13 2.52
C LEU D 44 17.78 -9.11 1.73
N LEU D 45 17.69 -10.33 2.24
CA LEU D 45 16.92 -11.38 1.57
C LEU D 45 15.46 -11.02 1.40
N THR D 46 14.87 -10.48 2.47
CA THR D 46 13.47 -10.06 2.47
C THR D 46 13.22 -8.96 1.44
N ASN D 47 14.10 -7.97 1.41
CA ASN D 47 13.98 -6.89 0.45
C ASN D 47 14.08 -7.43 -0.97
N LEU D 48 15.05 -8.30 -1.20
CA LEU D 48 15.17 -9.00 -2.48
C LEU D 48 13.91 -9.79 -2.81
N ALA D 49 13.44 -10.59 -1.84
CA ALA D 49 12.24 -11.39 -2.03
C ALA D 49 11.03 -10.54 -2.39
N ASP D 50 10.81 -9.45 -1.66
CA ASP D 50 9.68 -8.56 -1.91
C ASP D 50 9.66 -8.03 -3.33
N ARG D 51 10.81 -7.60 -3.81
CA ARG D 51 10.95 -7.08 -5.17
C ARG D 51 10.77 -8.19 -6.20
N GLU D 52 11.31 -9.37 -5.91
CA GLU D 52 11.08 -10.50 -6.79
C GLU D 52 9.60 -10.81 -6.87
N LEU D 53 8.92 -10.83 -5.73
CA LEU D 53 7.49 -11.16 -5.70
C LEU D 53 6.65 -10.36 -6.70
N VAL D 54 6.91 -9.06 -6.81
CA VAL D 54 6.22 -8.23 -7.79
C VAL D 54 6.33 -8.83 -9.18
N HIS D 55 7.54 -9.21 -9.58
CA HIS D 55 7.77 -9.78 -10.90
C HIS D 55 7.19 -11.18 -11.02
N MET D 56 7.20 -11.94 -9.93
CA MET D 56 6.63 -13.28 -9.94
C MET D 56 5.14 -13.22 -10.30
N ILE D 57 4.46 -12.20 -9.79
CA ILE D 57 3.02 -12.08 -10.01
C ILE D 57 2.68 -11.76 -11.46
N ASN D 58 3.47 -10.89 -12.09
CA ASN D 58 3.31 -10.67 -13.52
C ASN D 58 3.59 -11.95 -14.28
N TRP D 59 4.63 -12.66 -13.86
CA TRP D 59 4.98 -13.95 -14.48
C TRP D 59 3.83 -14.94 -14.38
N ALA D 60 3.22 -15.05 -13.20
CA ALA D 60 2.12 -15.99 -13.03
C ALA D 60 1.00 -15.70 -14.03
N LYS D 61 0.68 -14.43 -14.20
CA LYS D 61 -0.41 -14.03 -15.09
C LYS D 61 -0.16 -14.42 -16.54
N ARG D 62 1.08 -14.63 -16.90
CA ARG D 62 1.43 -15.08 -18.22
C ARG D 62 1.59 -16.59 -18.35
N VAL D 63 1.42 -17.31 -17.26
CA VAL D 63 1.38 -18.77 -17.28
C VAL D 63 0.02 -19.21 -17.83
N PRO D 64 0.02 -19.88 -18.99
CA PRO D 64 -1.21 -20.34 -19.63
C PRO D 64 -2.17 -21.00 -18.63
N GLY D 65 -3.39 -20.49 -18.58
CA GLY D 65 -4.39 -21.04 -17.68
C GLY D 65 -4.57 -20.21 -16.44
N PHE D 66 -3.49 -19.61 -15.93
CA PHE D 66 -3.56 -18.91 -14.65
C PHE D 66 -4.66 -17.87 -14.53
N VAL D 67 -4.73 -16.95 -15.49
CA VAL D 67 -5.70 -15.85 -15.39
C VAL D 67 -7.14 -16.28 -15.65
N ASP D 68 -7.33 -17.53 -16.07
CA ASP D 68 -8.66 -18.08 -16.24
C ASP D 68 -9.25 -18.56 -14.91
N LEU D 69 -8.39 -18.69 -13.91
CA LEU D 69 -8.82 -19.07 -12.57
C LEU D 69 -9.53 -17.90 -11.91
N THR D 70 -10.37 -18.20 -10.92
CA THR D 70 -10.99 -17.13 -10.15
C THR D 70 -9.93 -16.39 -9.36
N LEU D 71 -10.28 -15.19 -8.90
CA LEU D 71 -9.38 -14.40 -8.08
C LEU D 71 -8.93 -15.20 -6.87
N HIS D 72 -9.90 -15.82 -6.21
CA HIS D 72 -9.63 -16.57 -4.99
C HIS D 72 -8.59 -17.66 -5.21
N ASP D 73 -8.72 -18.38 -6.31
CA ASP D 73 -7.81 -19.47 -6.62
C ASP D 73 -6.44 -18.95 -7.07
N GLN D 74 -6.43 -17.83 -7.78
CA GLN D 74 -5.17 -17.22 -8.19
C GLN D 74 -4.37 -16.82 -6.96
N VAL D 75 -5.03 -16.17 -6.02
CA VAL D 75 -4.38 -15.80 -4.76
C VAL D 75 -3.90 -17.01 -3.99
N HIS D 76 -4.74 -18.05 -3.91
CA HIS D 76 -4.41 -19.26 -3.18
C HIS D 76 -3.18 -19.96 -3.78
N LEU D 77 -3.16 -20.10 -5.10
CA LEU D 77 -2.02 -20.73 -5.76
C LEU D 77 -0.72 -19.99 -5.46
N LEU D 78 -0.79 -18.66 -5.47
CA LEU D 78 0.40 -17.87 -5.25
C LEU D 78 0.83 -17.87 -3.78
N GLU D 79 -0.13 -17.85 -2.86
CA GLU D 79 0.15 -17.97 -1.44
C GLU D 79 0.84 -19.30 -1.13
N CSO D 80 0.43 -20.35 -1.83
CA CSO D 80 1.00 -21.68 -1.61
CB CSO D 80 0.01 -22.77 -2.06
SG CSO D 80 -1.45 -22.83 -0.98
C CSO D 80 2.35 -21.90 -2.31
O CSO D 80 3.14 -22.77 -1.91
OD CSO D 80 -0.98 -23.51 0.60
N ALA D 81 2.61 -21.13 -3.36
CA ALA D 81 3.75 -21.43 -4.23
C ALA D 81 4.93 -20.48 -4.14
N TRP D 82 4.71 -19.27 -3.64
CA TRP D 82 5.70 -18.20 -3.83
C TRP D 82 7.09 -18.56 -3.35
N LEU D 83 7.20 -19.17 -2.17
CA LEU D 83 8.51 -19.51 -1.62
C LEU D 83 9.19 -20.62 -2.45
N GLU D 84 8.43 -21.64 -2.83
CA GLU D 84 8.95 -22.68 -3.71
C GLU D 84 9.51 -22.07 -4.99
N ILE D 85 8.75 -21.15 -5.57
CA ILE D 85 9.13 -20.50 -6.82
C ILE D 85 10.41 -19.67 -6.67
N LEU D 86 10.53 -18.97 -5.55
CA LEU D 86 11.75 -18.22 -5.28
C LEU D 86 12.94 -19.15 -5.11
N MET D 87 12.73 -20.27 -4.41
CA MET D 87 13.81 -21.23 -4.14
C MET D 87 14.30 -21.96 -5.38
N ILE D 88 13.38 -22.39 -6.25
CA ILE D 88 13.82 -23.03 -7.49
C ILE D 88 14.56 -22.04 -8.39
N GLY D 89 14.11 -20.78 -8.42
CA GLY D 89 14.82 -19.73 -9.12
C GLY D 89 16.25 -19.59 -8.61
N LEU D 90 16.38 -19.52 -7.29
CA LEU D 90 17.68 -19.51 -6.63
C LEU D 90 18.55 -20.72 -7.04
N VAL D 91 17.96 -21.90 -6.96
CA VAL D 91 18.68 -23.13 -7.28
C VAL D 91 19.18 -23.13 -8.72
N TRP D 92 18.34 -22.63 -9.62
CA TRP D 92 18.71 -22.52 -11.04
C TRP D 92 19.83 -21.51 -11.26
N ARG D 93 19.76 -20.37 -10.58
CA ARG D 93 20.80 -19.35 -10.71
C ARG D 93 22.11 -19.88 -10.15
N SER D 94 22.03 -20.84 -9.24
CA SER D 94 23.20 -21.34 -8.53
C SER D 94 23.85 -22.56 -9.17
N MET D 95 23.26 -23.09 -10.23
CA MET D 95 23.77 -24.33 -10.82
C MET D 95 25.26 -24.27 -11.15
N GLU D 96 25.67 -23.23 -11.88
CA GLU D 96 27.06 -23.08 -12.30
C GLU D 96 27.92 -22.41 -11.24
N HIS D 97 27.55 -22.59 -9.97
CA HIS D 97 28.32 -22.04 -8.86
C HIS D 97 28.33 -23.01 -7.68
N PRO D 98 29.01 -24.16 -7.86
CA PRO D 98 29.05 -25.24 -6.86
C PRO D 98 29.44 -24.72 -5.47
N GLY D 99 28.65 -25.08 -4.46
CA GLY D 99 28.95 -24.72 -3.09
C GLY D 99 28.54 -23.31 -2.72
N LYS D 100 27.93 -22.59 -3.66
CA LYS D 100 27.51 -21.22 -3.39
C LYS D 100 26.06 -20.97 -3.80
N LEU D 101 25.40 -20.08 -3.07
CA LEU D 101 24.03 -19.67 -3.39
C LEU D 101 24.01 -18.27 -3.98
N LEU D 102 23.60 -18.18 -5.24
CA LEU D 102 23.56 -16.91 -5.95
C LEU D 102 22.17 -16.29 -5.81
N PHE D 103 21.90 -15.71 -4.66
CA PHE D 103 20.63 -15.00 -4.45
C PHE D 103 20.52 -13.85 -5.45
N ALA D 104 21.65 -13.21 -5.72
CA ALA D 104 21.76 -12.16 -6.72
C ALA D 104 23.21 -12.08 -7.21
N PRO D 105 23.43 -11.56 -8.43
CA PRO D 105 24.80 -11.46 -8.95
C PRO D 105 25.73 -10.70 -8.01
N ASN D 106 25.18 -9.77 -7.23
CA ASN D 106 25.98 -9.06 -6.24
C ASN D 106 25.81 -9.66 -4.85
N LEU D 107 25.19 -10.82 -4.77
CA LEU D 107 24.93 -11.48 -3.48
C LEU D 107 25.10 -12.99 -3.60
N LEU D 108 26.36 -13.43 -3.58
CA LEU D 108 26.71 -14.83 -3.72
C LEU D 108 27.17 -15.35 -2.36
N LEU D 109 26.38 -16.21 -1.74
CA LEU D 109 26.66 -16.71 -0.40
C LEU D 109 26.93 -18.21 -0.36
N ASP D 110 27.98 -18.61 0.33
CA ASP D 110 28.26 -20.03 0.51
C ASP D 110 27.70 -20.51 1.86
N ARG D 111 27.78 -21.81 2.08
CA ARG D 111 27.23 -22.45 3.27
C ARG D 111 27.72 -21.82 4.58
N ASN D 112 28.96 -21.35 4.58
CA ASN D 112 29.55 -20.73 5.76
C ASN D 112 28.94 -19.37 6.09
N GLN D 113 28.32 -18.75 5.09
CA GLN D 113 27.66 -17.46 5.28
C GLN D 113 26.19 -17.63 5.68
N GLY D 114 25.79 -18.87 5.90
CA GLY D 114 24.43 -19.17 6.30
C GLY D 114 24.26 -19.32 7.80
N LYS D 115 25.30 -19.82 8.46
CA LYS D 115 25.33 -19.88 9.90
C LYS D 115 25.29 -18.46 10.45
N CYS D 116 26.13 -17.61 9.87
CA CYS D 116 26.23 -16.21 10.28
C CYS D 116 25.40 -15.30 9.37
N GLY D 119 19.96 -20.26 11.61
CA GLY D 119 19.18 -21.47 11.39
C GLY D 119 18.97 -21.74 9.91
N MET D 120 19.64 -20.96 9.08
CA MET D 120 19.54 -21.08 7.63
C MET D 120 20.51 -22.12 7.11
N VAL D 121 21.48 -22.51 7.95
CA VAL D 121 22.46 -23.52 7.60
C VAL D 121 21.79 -24.71 6.95
N GLU D 122 20.80 -25.26 7.63
CA GLU D 122 20.08 -26.45 7.17
C GLU D 122 19.34 -26.19 5.86
N ILE D 123 18.70 -25.04 5.75
CA ILE D 123 18.03 -24.65 4.51
C ILE D 123 19.03 -24.47 3.37
N PHE D 124 20.10 -23.75 3.63
CA PHE D 124 21.14 -23.54 2.64
C PHE D 124 21.67 -24.86 2.10
N ASP D 125 21.88 -25.82 3.00
CA ASP D 125 22.43 -27.12 2.61
C ASP D 125 21.48 -27.88 1.70
N MET D 126 20.18 -27.80 1.98
CA MET D 126 19.19 -28.44 1.13
C MET D 126 19.14 -27.79 -0.25
N LEU D 127 19.22 -26.46 -0.28
CA LEU D 127 19.25 -25.74 -1.54
C LEU D 127 20.46 -26.16 -2.37
N LEU D 128 21.60 -26.28 -1.71
CA LEU D 128 22.85 -26.67 -2.36
C LEU D 128 22.82 -28.10 -2.91
N ALA D 129 22.23 -29.03 -2.15
CA ALA D 129 22.04 -30.38 -2.65
C ALA D 129 21.20 -30.35 -3.92
N THR D 130 20.09 -29.61 -3.87
CA THR D 130 19.22 -29.50 -5.03
C THR D 130 19.95 -28.91 -6.24
N SER D 131 20.74 -27.86 -6.02
CA SER D 131 21.50 -27.24 -7.10
C SER D 131 22.46 -28.25 -7.67
N SER D 132 23.17 -28.96 -6.79
CA SER D 132 24.05 -30.05 -7.17
C SER D 132 23.30 -31.11 -7.96
N ARG D 133 22.09 -31.44 -7.51
CA ARG D 133 21.26 -32.40 -8.21
C ARG D 133 20.93 -31.92 -9.63
N PHE D 134 20.56 -30.65 -9.77
CA PHE D 134 20.22 -30.10 -11.09
C PHE D 134 21.41 -30.10 -12.03
N ARG D 135 22.59 -29.80 -11.49
CA ARG D 135 23.81 -29.77 -12.28
C ARG D 135 24.06 -31.14 -12.90
N MET D 136 24.00 -32.17 -12.06
CA MET D 136 24.29 -33.53 -12.51
C MET D 136 23.32 -34.02 -13.60
N MET D 137 22.05 -33.64 -13.48
CA MET D 137 21.06 -34.05 -14.47
C MET D 137 21.19 -33.21 -15.74
N ASN D 138 22.02 -32.18 -15.68
CA ASN D 138 22.13 -31.22 -16.78
C ASN D 138 20.77 -30.60 -17.11
N LEU D 139 20.10 -30.09 -16.08
CA LEU D 139 18.78 -29.52 -16.27
C LEU D 139 18.84 -28.41 -17.31
N GLN D 140 17.91 -28.44 -18.26
CA GLN D 140 17.85 -27.44 -19.32
C GLN D 140 16.87 -26.33 -18.99
N GLY D 141 17.19 -25.10 -19.41
CA GLY D 141 16.36 -23.94 -19.18
C GLY D 141 14.92 -24.14 -19.64
N GLU D 142 14.74 -24.88 -20.73
CA GLU D 142 13.40 -25.18 -21.22
C GLU D 142 12.66 -26.11 -20.26
N GLU D 143 13.41 -26.96 -19.56
CA GLU D 143 12.84 -27.84 -18.56
C GLU D 143 12.56 -27.03 -17.30
N PHE D 144 13.48 -26.13 -16.95
CA PHE D 144 13.32 -25.29 -15.76
C PHE D 144 12.01 -24.49 -15.74
N VAL D 145 11.68 -23.83 -16.85
CA VAL D 145 10.45 -23.04 -16.90
C VAL D 145 9.20 -23.91 -16.84
N CYS D 146 9.28 -25.11 -17.41
CA CYS D 146 8.19 -26.08 -17.28
C CYS D 146 8.00 -26.50 -15.82
N LEU D 147 9.10 -26.82 -15.15
CA LEU D 147 9.06 -27.19 -13.74
C LEU D 147 8.51 -26.06 -12.85
N LYS D 148 8.91 -24.82 -13.17
CA LYS D 148 8.48 -23.67 -12.38
C LYS D 148 6.97 -23.45 -12.48
N SER D 149 6.42 -23.67 -13.67
CA SER D 149 4.99 -23.53 -13.90
C SER D 149 4.19 -24.63 -13.18
N ILE D 150 4.74 -25.84 -13.17
CA ILE D 150 4.07 -26.97 -12.53
C ILE D 150 3.91 -26.67 -11.04
N ILE D 151 4.99 -26.18 -10.43
CA ILE D 151 4.95 -25.76 -9.03
C ILE D 151 3.82 -24.77 -8.78
N LEU D 152 3.74 -23.73 -9.60
CA LEU D 152 2.67 -22.76 -9.48
C LEU D 152 1.30 -23.43 -9.52
N LEU D 153 1.05 -24.24 -10.55
CA LEU D 153 -0.27 -24.83 -10.73
C LEU D 153 -0.53 -25.99 -9.77
N ASN D 154 0.51 -26.61 -9.25
CA ASN D 154 0.34 -27.76 -8.34
C ASN D 154 0.37 -27.44 -6.84
N SER D 155 0.87 -26.25 -6.49
CA SER D 155 0.98 -25.83 -5.10
C SER D 155 -0.31 -25.95 -4.29
N GLY D 156 -1.42 -25.55 -4.88
CA GLY D 156 -2.67 -25.49 -4.14
C GLY D 156 -3.90 -25.90 -4.93
N VAL D 157 -3.71 -26.83 -5.86
CA VAL D 157 -4.84 -27.46 -6.52
C VAL D 157 -5.40 -28.51 -5.58
N TYR D 158 -6.57 -28.24 -5.00
CA TYR D 158 -7.19 -29.09 -3.98
C TYR D 158 -6.86 -28.59 -2.57
N LEU D 168 -14.19 -27.49 -8.01
CA LEU D 168 -15.10 -28.03 -9.01
C LEU D 168 -14.48 -27.98 -10.41
N GLU D 169 -14.88 -26.98 -11.20
CA GLU D 169 -14.39 -26.84 -12.56
C GLU D 169 -13.00 -26.22 -12.61
N GLU D 170 -12.57 -25.63 -11.49
CA GLU D 170 -11.24 -25.07 -11.37
C GLU D 170 -10.19 -26.18 -11.34
N LYS D 171 -10.48 -27.23 -10.58
CA LYS D 171 -9.56 -28.35 -10.43
C LYS D 171 -9.27 -29.02 -11.77
N ASP D 172 -10.31 -29.29 -12.55
CA ASP D 172 -10.12 -29.97 -13.83
C ASP D 172 -9.35 -29.12 -14.83
N HIS D 173 -9.65 -27.83 -14.88
CA HIS D 173 -8.94 -26.92 -15.77
C HIS D 173 -7.46 -26.88 -15.44
N ILE D 174 -7.16 -26.79 -14.15
CA ILE D 174 -5.79 -26.77 -13.69
C ILE D 174 -5.05 -28.02 -14.14
N HIS D 175 -5.75 -29.16 -14.09
CA HIS D 175 -5.14 -30.43 -14.44
C HIS D 175 -4.86 -30.61 -15.93
N ARG D 176 -5.73 -30.08 -16.78
CA ARG D 176 -5.51 -30.14 -18.23
C ARG D 176 -4.27 -29.36 -18.63
N VAL D 177 -4.07 -28.20 -17.98
CA VAL D 177 -2.89 -27.39 -18.22
C VAL D 177 -1.65 -28.15 -17.76
N LEU D 178 -1.74 -28.75 -16.57
CA LEU D 178 -0.64 -29.59 -16.07
C LEU D 178 -0.34 -30.73 -17.04
N ASP D 179 -1.38 -31.38 -17.54
CA ASP D 179 -1.21 -32.41 -18.56
C ASP D 179 -0.51 -31.84 -19.79
N LYS D 180 -0.90 -30.64 -20.20
CA LYS D 180 -0.27 -30.01 -21.35
C LYS D 180 1.20 -29.71 -21.09
N ILE D 181 1.54 -29.36 -19.84
CA ILE D 181 2.93 -29.09 -19.50
C ILE D 181 3.77 -30.38 -19.48
N THR D 182 3.18 -31.45 -18.96
CA THR D 182 3.84 -32.75 -19.02
C THR D 182 4.10 -33.14 -20.46
N ASP D 183 3.09 -32.96 -21.30
CA ASP D 183 3.23 -33.20 -22.74
C ASP D 183 4.38 -32.38 -23.30
N THR D 184 4.57 -31.17 -22.76
CA THR D 184 5.66 -30.31 -23.22
C THR D 184 7.02 -30.85 -22.79
N LEU D 185 7.18 -31.13 -21.51
CA LEU D 185 8.44 -31.66 -20.99
C LEU D 185 8.87 -32.91 -21.78
N ILE D 186 7.91 -33.80 -22.00
CA ILE D 186 8.17 -35.00 -22.79
C ILE D 186 8.66 -34.62 -24.19
N HIS D 187 7.90 -33.77 -24.87
CA HIS D 187 8.25 -33.34 -26.22
C HIS D 187 9.69 -32.82 -26.30
N LEU D 188 10.11 -32.09 -25.28
CA LEU D 188 11.49 -31.59 -25.22
C LEU D 188 12.47 -32.75 -25.13
N MET D 189 12.17 -33.72 -24.27
CA MET D 189 13.06 -34.85 -24.07
C MET D 189 13.15 -35.70 -25.34
N ALA D 190 12.05 -35.83 -26.07
CA ALA D 190 12.04 -36.55 -27.34
C ALA D 190 12.97 -35.91 -28.38
N LYS D 191 12.92 -34.58 -28.46
CA LYS D 191 13.80 -33.85 -29.36
C LYS D 191 15.27 -34.07 -29.02
N ALA D 192 15.60 -33.98 -27.74
CA ALA D 192 16.97 -34.23 -27.30
C ALA D 192 17.37 -35.67 -27.60
N GLY D 193 16.42 -36.47 -28.07
CA GLY D 193 16.71 -37.81 -28.56
C GLY D 193 16.79 -38.89 -27.50
N LEU D 194 16.06 -38.73 -26.40
CA LEU D 194 15.99 -39.75 -25.38
C LEU D 194 15.02 -40.84 -25.83
N THR D 195 15.34 -42.10 -25.53
CA THR D 195 14.41 -43.19 -25.76
C THR D 195 13.16 -42.94 -24.91
N LEU D 196 12.07 -43.60 -25.24
CA LEU D 196 10.88 -43.45 -24.46
C LEU D 196 11.15 -43.78 -23.02
N GLN D 197 11.96 -44.80 -22.76
CA GLN D 197 12.29 -45.17 -21.40
C GLN D 197 13.03 -44.06 -20.67
N GLN D 198 14.04 -43.49 -21.34
CA GLN D 198 14.83 -42.42 -20.76
C GLN D 198 13.95 -41.22 -20.43
N GLN D 199 12.96 -40.98 -21.28
CA GLN D 199 12.04 -39.86 -21.11
C GLN D 199 11.26 -40.02 -19.81
N HIS D 200 10.60 -41.18 -19.65
CA HIS D 200 9.77 -41.43 -18.47
C HIS D 200 10.59 -41.32 -17.21
N GLN D 201 11.82 -41.81 -17.28
CA GLN D 201 12.70 -41.81 -16.12
C GLN D 201 13.13 -40.41 -15.75
N ARG D 202 13.43 -39.60 -16.77
CA ARG D 202 13.88 -38.25 -16.54
C ARG D 202 12.76 -37.37 -15.98
N LEU D 203 11.58 -37.50 -16.58
CA LEU D 203 10.39 -36.81 -16.09
C LEU D 203 10.15 -37.12 -14.61
N ALA D 204 10.18 -38.40 -14.25
CA ALA D 204 9.99 -38.81 -12.87
C ALA D 204 11.06 -38.20 -11.97
N GLN D 205 12.31 -38.29 -12.40
CA GLN D 205 13.41 -37.67 -11.64
CA GLN D 205 13.35 -37.72 -11.60
C GLN D 205 13.16 -36.18 -11.38
N LEU D 206 12.73 -35.44 -12.38
CA LEU D 206 12.44 -34.02 -12.21
C LEU D 206 11.30 -33.74 -11.23
N LEU D 207 10.17 -34.42 -11.40
CA LEU D 207 9.02 -34.22 -10.52
C LEU D 207 9.28 -34.62 -9.07
N LEU D 208 10.05 -35.65 -8.81
CA LEU D 208 10.38 -36.06 -7.47
C LEU D 208 11.23 -35.02 -6.76
N ILE D 209 11.99 -34.28 -7.52
CA ILE D 209 12.72 -33.15 -6.95
C ILE D 209 11.75 -32.06 -6.46
N LEU D 210 10.61 -31.92 -7.13
CA LEU D 210 9.59 -30.96 -6.67
C LEU D 210 9.17 -31.25 -5.24
N SER D 211 9.18 -32.53 -4.89
CA SER D 211 8.76 -32.92 -3.55
C SER D 211 9.73 -32.38 -2.51
N HIS D 212 11.02 -32.40 -2.83
CA HIS D 212 12.05 -31.88 -1.94
C HIS D 212 11.95 -30.35 -1.82
N ILE D 213 11.51 -29.72 -2.89
CA ILE D 213 11.35 -28.27 -2.92
C ILE D 213 10.17 -27.84 -2.03
N ARG D 214 9.12 -28.65 -2.02
CA ARG D 214 8.01 -28.45 -1.10
C ARG D 214 8.55 -28.47 0.34
N HIS D 215 9.33 -29.50 0.64
CA HIS D 215 9.96 -29.65 1.96
C HIS D 215 10.81 -28.43 2.33
N MET D 216 11.68 -28.02 1.43
CA MET D 216 12.49 -26.82 1.63
C MET D 216 11.65 -25.56 1.87
N SER D 217 10.56 -25.43 1.12
CA SER D 217 9.63 -24.30 1.30
C SER D 217 9.04 -24.28 2.70
N ASN D 218 8.55 -25.44 3.14
CA ASN D 218 7.93 -25.58 4.45
C ASN D 218 8.87 -25.25 5.60
N LYS D 219 10.13 -25.64 5.46
CA LYS D 219 11.14 -25.36 6.46
C LYS D 219 11.48 -23.87 6.44
N GLY D 220 11.52 -23.31 5.24
CA GLY D 220 11.74 -21.88 5.08
C GLY D 220 10.64 -21.06 5.74
N MET D 221 9.38 -21.39 5.44
CA MET D 221 8.24 -20.72 6.05
C MET D 221 8.28 -20.82 7.56
N GLU D 222 8.62 -21.99 8.07
CA GLU D 222 8.71 -22.19 9.52
C GLU D 222 9.80 -21.32 10.12
N HIS D 223 10.84 -21.04 9.34
CA HIS D 223 11.92 -20.17 9.83
C HIS D 223 11.49 -18.71 9.78
N LEU D 224 10.95 -18.29 8.64
CA LEU D 224 10.44 -16.93 8.48
C LEU D 224 9.41 -16.60 9.57
N TYR D 225 8.44 -17.49 9.75
CA TYR D 225 7.37 -17.26 10.72
C TYR D 225 7.78 -17.63 12.15
N SER D 226 9.07 -17.93 12.34
CA SER D 226 9.60 -18.17 13.67
C SER D 226 10.32 -16.93 14.18
N MET D 227 10.92 -16.19 13.25
CA MET D 227 11.60 -14.95 13.58
C MET D 227 10.64 -13.78 13.53
N LYS D 228 10.21 -13.44 12.31
CA LYS D 228 9.33 -12.29 12.07
C LYS D 228 10.09 -10.97 12.21
N VAL D 232 9.12 -8.90 6.68
CA VAL D 232 8.04 -9.72 6.16
C VAL D 232 7.57 -9.21 4.78
N VAL D 233 7.01 -10.12 3.99
CA VAL D 233 6.56 -9.79 2.63
C VAL D 233 5.07 -9.46 2.60
N PRO D 234 4.71 -8.38 1.90
CA PRO D 234 3.31 -7.95 1.81
C PRO D 234 2.59 -8.71 0.70
N LEU D 235 2.56 -10.04 0.81
CA LEU D 235 1.99 -10.86 -0.25
C LEU D 235 0.51 -10.59 -0.49
N TYR D 236 -0.30 -10.76 0.56
CA TYR D 236 -1.73 -10.55 0.43
C TYR D 236 -2.03 -9.22 -0.28
N ASP D 237 -1.40 -8.15 0.18
CA ASP D 237 -1.57 -6.82 -0.41
C ASP D 237 -1.17 -6.75 -1.89
N LEU D 238 0.04 -7.23 -2.21
CA LEU D 238 0.52 -7.23 -3.59
C LEU D 238 -0.44 -7.97 -4.51
N LEU D 239 -0.96 -9.09 -4.03
CA LEU D 239 -1.85 -9.90 -4.84
C LEU D 239 -3.13 -9.13 -5.13
N LEU D 240 -3.68 -8.49 -4.11
CA LEU D 240 -4.86 -7.66 -4.28
C LEU D 240 -4.59 -6.54 -5.28
N GLU D 241 -3.40 -5.95 -5.18
CA GLU D 241 -3.03 -4.86 -6.07
C GLU D 241 -2.90 -5.33 -7.52
N MET D 242 -2.10 -6.35 -7.74
CA MET D 242 -1.74 -6.80 -9.08
C MET D 242 -2.71 -7.77 -9.73
N LEU D 243 -3.54 -8.40 -8.94
CA LEU D 243 -4.44 -9.35 -9.51
C LEU D 243 -5.73 -8.69 -9.95
N ASP D 244 -5.86 -7.43 -9.66
CA ASP D 244 -7.06 -6.65 -9.98
C ASP D 244 -7.27 -6.52 -11.49
N ALA D 245 -8.50 -6.21 -11.88
CA ALA D 245 -8.83 -5.93 -13.27
C ALA D 245 -8.89 -4.43 -13.47
N HIS D 246 -9.51 -3.75 -12.51
CA HIS D 246 -9.47 -2.28 -12.44
C HIS D 246 -8.13 -1.77 -12.92
N ARG D 247 -7.11 -2.12 -12.15
CA ARG D 247 -5.80 -1.50 -12.26
C ARG D 247 -4.96 -2.01 -13.42
N LEU D 248 -4.54 -1.08 -14.27
CA LEU D 248 -3.67 -1.38 -15.39
C LEU D 248 -2.21 -1.13 -14.99
N HIS D 249 -2.02 -0.47 -13.85
CA HIS D 249 -0.68 -0.10 -13.40
C HIS D 249 -0.44 -0.39 -11.92
N ALA D 250 -0.72 -1.62 -11.52
CA ALA D 250 -0.47 -2.10 -10.16
C ALA D 250 0.97 -2.59 -10.06
N PRO D 251 1.54 -2.61 -8.84
CA PRO D 251 0.91 -2.17 -7.59
C PRO D 251 1.29 -0.75 -7.26
CAI 0D1 E . 4.13 7.65 23.38
CAE 0D1 E . 4.46 7.07 24.60
CAO 0D1 E . 3.66 7.29 25.72
OAA 0D1 E . 3.99 6.72 26.90
CAF 0D1 E . 2.52 8.10 25.63
CAJ 0D1 E . 2.19 8.69 24.40
CAQ 0D1 E . 2.99 8.46 23.27
CAN 0D1 E . 2.69 9.05 22.03
CAM 0D1 E . 2.34 8.10 20.86
CLD 0D1 E . 2.34 6.40 21.15
CLC 0D1 E . 1.94 8.62 19.26
CAR 0D1 E . 2.65 10.46 21.99
CAK 0D1 E . 1.71 11.15 21.20
CAG 0D1 E . 1.65 12.55 21.19
CAP 0D1 E . 2.52 13.28 22.01
OAB 0D1 E . 2.46 14.64 22.02
CAH 0D1 E . 3.45 12.61 22.82
CAL 0D1 E . 3.50 11.21 22.81
CAI 0D1 F . -22.02 -8.44 16.61
CAE 0D1 F . -23.12 -8.13 15.78
CAO 0D1 F . -23.79 -9.17 15.11
OAA 0D1 F . -24.85 -8.89 14.30
CAF 0D1 F . -23.37 -10.50 15.27
CAJ 0D1 F . -22.28 -10.79 16.11
CAQ 0D1 F . -21.59 -9.77 16.79
CAN 0D1 F . -20.45 -10.06 17.59
CAM 0D1 F . -20.12 -9.32 18.93
CLD 0D1 F . -21.19 -8.17 19.63
CLC 0D1 F . -18.65 -9.66 19.78
CAR 0D1 F . -19.53 -11.00 17.10
CAK 0D1 F . -19.25 -12.16 17.85
CAG 0D1 F . -18.35 -13.13 17.41
CAP 0D1 F . -17.74 -12.94 16.18
OAB 0D1 F . -16.86 -13.86 15.71
CAH 0D1 F . -18.00 -11.79 15.43
CAL 0D1 F . -18.89 -10.83 15.86
CAI 0D1 G . 14.70 9.43 -14.51
CAE 0D1 G . 14.54 8.19 -15.14
CAO 0D1 G . 14.40 7.04 -14.39
OAA 0D1 G . 14.27 5.86 -15.02
CAF 0D1 G . 14.42 7.11 -12.98
CAJ 0D1 G . 14.58 8.36 -12.36
CAQ 0D1 G . 14.69 9.54 -13.11
CAN 0D1 G . 14.92 10.80 -12.51
CAM 0D1 G . 14.46 12.16 -13.12
CLD 0D1 G . 13.48 12.31 -14.51
CLC 0D1 G . 14.92 13.63 -12.35
CAR 0D1 G . 15.70 10.84 -11.35
CAK 0D1 G . 15.12 11.36 -10.19
CAG 0D1 G . 15.84 11.40 -9.02
CAP 0D1 G . 17.14 10.93 -8.98
OAB 0D1 G . 17.85 10.97 -7.82
CAH 0D1 G . 17.73 10.39 -10.13
CAL 0D1 G . 17.00 10.36 -11.32
CAI 0D1 H . 14.81 -17.33 -1.42
CAE 0D1 H . 15.00 -17.06 -2.78
CAO 0D1 H . 15.17 -15.77 -3.22
OAA 0D1 H . 15.33 -15.53 -4.55
CAF 0D1 H . 15.15 -14.70 -2.32
CAJ 0D1 H . 14.96 -14.96 -0.96
CAQ 0D1 H . 14.80 -16.29 -0.49
CAN 0D1 H . 14.58 -16.53 0.87
CAM 0D1 H . 15.04 -17.82 1.58
CLD 0D1 H . 15.99 -19.03 0.80
CLC 0D1 H . 14.65 -18.07 3.23
CAR 0D1 H . 13.80 -15.61 1.60
CAK 0D1 H . 14.38 -14.95 2.68
CAG 0D1 H . 13.66 -14.02 3.43
CAP 0D1 H . 12.33 -13.75 3.08
OAB 0D1 H . 11.63 -12.83 3.80
CAH 0D1 H . 11.74 -14.40 1.99
CAL 0D1 H . 12.48 -15.33 1.25
#